data_1OSP
#
_entry.id   1OSP
#
_cell.length_a   89.100
_cell.length_b   91.700
_cell.length_c   100.400
_cell.angle_alpha   90.00
_cell.angle_beta   90.00
_cell.angle_gamma   90.00
#
_symmetry.space_group_name_H-M   'P 21 21 21'
#
loop_
_entity.id
_entity.type
_entity.pdbx_description
1 polymer 'FAB 184.1'
2 polymer 'FAB 184.1'
3 polymer 'OUTER SURFACE PROTEIN A'
4 water water
#
loop_
_entity_poly.entity_id
_entity_poly.type
_entity_poly.pdbx_seq_one_letter_code
_entity_poly.pdbx_strand_id
1 'polypeptide(L)'
;DIQMSQSSSSFSVSLGDRVTITCKASEDIYSRLAWYQQKPGNAPRLLISGATSLETWVPSRFSGSDSGKDYTLSITSLQT
EDVATYFCQQYWSPPPTFGGGTKLEIKRADAAPTVSIFPPSSEQLTSGGASVVCFLNNFYPKDINVKWKIDGSERQNGVL
NSWTDQDSKDSTYSMSSTLTLTKDEYERHNSYTCEATHKTSTSPIVKSFNRNEC
;
L
2 'polypeptide(L)'
;EVQLQESGPSLVKPSQTLSLTCSVTGEPITSGFWDWIRKFPGNKLEFMGYIRYGGGTYYNPSLKSPISITRDTSKNHYYL
QLNSVVTEDTATYYCARSRDYYGSSGFAFWGEGTLVTVSAAKTTPPSVYPLAPGCGDTTGSSVTLGCLVKGYFPESVTVT
WNSGSLSSSVHTFPALLQSGLYTMSSSVTVPSSTWPSQTVTCSVAHPASSTTVDKKLE
;
H
3 'polypeptide(L)'
;AKQNVSSLDEKNSVSVDLPGEMKVLVSKEKNKDGKYDLIATVDKLELKGTSDKNNGSGVLEGVKADKCKVKLTISDDLGQ
TTLEVFKEDGKTLVSKKVTSKDKSSTEEKFNEKGEVSEKIITRADGTRLEYTGIKSDGSGKAKEVLKGYVLEGTLTAEKT
TLVVKEGTVTLSKNISKSGEVSVELNDTDSSAATKKTAAWNSGTSTLTITVNSKKTKDLVFTKENTITVQQYDSNGTKLE
GSAVEITKLDEIKNALK
;
O
#
# COMPACT_ATOMS: atom_id res chain seq x y z
N ASP A 1 -15.75 14.37 16.20
CA ASP A 1 -15.55 13.90 14.80
C ASP A 1 -16.21 14.85 13.82
N ILE A 2 -15.45 15.30 12.83
CA ILE A 2 -15.99 16.19 11.82
C ILE A 2 -16.66 15.27 10.81
N GLN A 3 -17.86 15.63 10.39
CA GLN A 3 -18.60 14.83 9.42
C GLN A 3 -18.29 15.36 8.04
N MET A 4 -17.82 14.47 7.16
CA MET A 4 -17.52 14.81 5.78
C MET A 4 -18.72 14.28 5.00
N SER A 5 -19.30 15.14 4.17
CA SER A 5 -20.49 14.76 3.41
C SER A 5 -20.37 14.89 1.90
N GLN A 6 -20.58 13.77 1.21
CA GLN A 6 -20.61 13.71 -0.25
C GLN A 6 -22.07 13.33 -0.58
N SER A 7 -22.89 14.34 -0.81
CA SER A 7 -24.33 14.15 -1.08
C SER A 7 -24.72 13.24 -2.24
N SER A 8 -23.82 13.09 -3.22
CA SER A 8 -24.12 12.23 -4.34
C SER A 8 -23.34 10.93 -4.20
N SER A 9 -24.05 9.82 -4.18
CA SER A 9 -23.41 8.52 -4.08
C SER A 9 -22.89 8.10 -5.45
N SER A 10 -23.56 8.54 -6.51
CA SER A 10 -23.11 8.19 -7.86
C SER A 10 -23.71 9.07 -8.93
N PHE A 11 -22.99 9.25 -10.03
CA PHE A 11 -23.40 10.05 -11.19
C PHE A 11 -23.04 9.22 -12.43
N SER A 12 -23.63 9.59 -13.56
CA SER A 12 -23.35 8.96 -14.84
C SER A 12 -22.93 10.15 -15.70
N VAL A 13 -21.76 10.05 -16.32
CA VAL A 13 -21.23 11.15 -17.15
C VAL A 13 -20.92 10.64 -18.56
N SER A 14 -20.89 11.56 -19.52
CA SER A 14 -20.56 11.21 -20.90
C SER A 14 -19.05 11.36 -21.11
N LEU A 15 -18.50 10.58 -22.03
CA LEU A 15 -17.07 10.64 -22.34
C LEU A 15 -16.66 12.04 -22.79
N GLY A 16 -15.63 12.59 -22.14
CA GLY A 16 -15.14 13.91 -22.47
C GLY A 16 -15.88 15.05 -21.79
N ASP A 17 -16.96 14.73 -21.07
CA ASP A 17 -17.72 15.77 -20.40
C ASP A 17 -17.04 16.20 -19.10
N ARG A 18 -17.39 17.39 -18.63
CA ARG A 18 -16.85 17.93 -17.39
C ARG A 18 -17.59 17.33 -16.19
N VAL A 19 -16.85 17.06 -15.13
CA VAL A 19 -17.40 16.48 -13.90
C VAL A 19 -16.95 17.26 -12.69
N THR A 20 -17.86 17.47 -11.75
CA THR A 20 -17.53 18.16 -10.52
C THR A 20 -18.17 17.39 -9.36
N ILE A 21 -17.35 17.03 -8.38
CA ILE A 21 -17.77 16.27 -7.20
C ILE A 21 -17.64 17.19 -5.99
N THR A 22 -18.68 17.21 -5.16
CA THR A 22 -18.69 18.07 -3.98
C THR A 22 -18.47 17.35 -2.66
N CYS A 23 -17.78 18.03 -1.75
CA CYS A 23 -17.46 17.55 -0.41
C CYS A 23 -17.65 18.65 0.62
N LYS A 24 -18.38 18.35 1.69
CA LYS A 24 -18.66 19.30 2.78
C LYS A 24 -18.15 18.77 4.13
N ALA A 25 -17.59 19.66 4.94
CA ALA A 25 -17.09 19.31 6.26
C ALA A 25 -18.10 19.90 7.23
N SER A 26 -18.35 19.23 8.35
CA SER A 26 -19.31 19.75 9.31
C SER A 26 -18.82 21.06 9.94
N GLU A 27 -17.50 21.24 9.96
CA GLU A 27 -16.90 22.46 10.48
C GLU A 27 -15.70 22.85 9.60
N ASP A 28 -15.14 24.02 9.84
CA ASP A 28 -14.02 24.53 9.06
C ASP A 28 -12.78 23.66 9.19
N ILE A 29 -12.30 23.15 8.05
CA ILE A 29 -11.10 22.30 8.00
C ILE A 29 -9.92 22.99 7.30
N TYR A 30 -10.11 24.22 6.85
CA TYR A 30 -9.05 25.01 6.23
C TYR A 30 -8.24 24.34 5.11
N SER A 31 -8.92 23.59 4.26
CA SER A 31 -8.27 22.92 3.14
C SER A 31 -7.29 21.81 3.51
N ARG A 32 -7.40 21.27 4.73
CA ARG A 32 -6.55 20.15 5.13
C ARG A 32 -7.42 18.95 4.76
N LEU A 33 -7.65 18.83 3.45
CA LEU A 33 -8.48 17.81 2.86
C LEU A 33 -7.72 17.00 1.82
N ALA A 34 -8.03 15.71 1.77
CA ALA A 34 -7.42 14.78 0.81
C ALA A 34 -8.53 14.16 -0.03
N TRP A 35 -8.18 13.74 -1.25
CA TRP A 35 -9.10 13.07 -2.14
C TRP A 35 -8.44 11.77 -2.57
N TYR A 36 -9.26 10.74 -2.75
CA TYR A 36 -8.81 9.42 -3.17
C TYR A 36 -9.64 8.93 -4.32
N GLN A 37 -9.00 8.16 -5.20
CA GLN A 37 -9.69 7.51 -6.32
C GLN A 37 -9.62 6.01 -5.99
N GLN A 38 -10.76 5.32 -6.00
CA GLN A 38 -10.74 3.88 -5.75
C GLN A 38 -11.44 3.13 -6.85
N LYS A 39 -10.71 2.23 -7.51
CA LYS A 39 -11.29 1.42 -8.56
C LYS A 39 -11.59 0.06 -8.00
N PRO A 40 -12.57 -0.65 -8.58
CA PRO A 40 -12.93 -1.99 -8.09
C PRO A 40 -11.73 -2.92 -8.01
N GLY A 41 -11.60 -3.58 -6.87
CA GLY A 41 -10.50 -4.51 -6.66
C GLY A 41 -9.17 -3.87 -6.35
N ASN A 42 -9.16 -2.58 -6.02
CA ASN A 42 -7.92 -1.89 -5.71
C ASN A 42 -8.09 -1.02 -4.47
N ALA A 43 -6.98 -0.68 -3.83
CA ALA A 43 -6.99 0.17 -2.63
C ALA A 43 -7.17 1.60 -3.10
N PRO A 44 -7.69 2.49 -2.23
CA PRO A 44 -7.86 3.89 -2.64
C PRO A 44 -6.49 4.48 -3.00
N ARG A 45 -6.47 5.45 -3.89
CA ARG A 45 -5.21 6.09 -4.27
C ARG A 45 -5.27 7.59 -3.97
N LEU A 46 -4.32 8.09 -3.18
CA LEU A 46 -4.28 9.52 -2.84
C LEU A 46 -4.13 10.30 -4.14
N LEU A 47 -5.06 11.21 -4.38
CA LEU A 47 -5.09 11.98 -5.62
C LEU A 47 -4.77 13.46 -5.41
N ILE A 48 -5.32 14.03 -4.34
CA ILE A 48 -5.12 15.43 -4.03
C ILE A 48 -4.90 15.59 -2.52
N SER A 49 -4.04 16.53 -2.16
CA SER A 49 -3.74 16.84 -0.77
C SER A 49 -3.93 18.36 -0.62
N GLY A 50 -4.18 18.83 0.60
CA GLY A 50 -4.36 20.25 0.80
C GLY A 50 -5.51 20.83 -0.01
N ALA A 51 -6.48 19.98 -0.36
CA ALA A 51 -7.67 20.35 -1.13
C ALA A 51 -7.47 20.68 -2.62
N THR A 52 -6.31 21.22 -2.98
CA THR A 52 -6.06 21.59 -4.36
C THR A 52 -4.73 21.07 -4.94
N SER A 53 -3.84 20.62 -4.08
CA SER A 53 -2.54 20.14 -4.56
C SER A 53 -2.57 18.72 -5.09
N LEU A 54 -2.47 18.58 -6.41
CA LEU A 54 -2.47 17.27 -7.05
C LEU A 54 -1.21 16.49 -6.72
N GLU A 55 -1.31 15.17 -6.73
CA GLU A 55 -0.15 14.30 -6.51
C GLU A 55 0.47 14.14 -7.91
N THR A 56 1.75 13.79 -7.99
CA THR A 56 2.42 13.67 -9.28
C THR A 56 1.86 12.71 -10.36
N TRP A 57 1.21 11.63 -9.97
CA TRP A 57 0.66 10.69 -10.95
C TRP A 57 -0.62 11.16 -11.63
N VAL A 58 -1.28 12.15 -11.05
CA VAL A 58 -2.55 12.63 -11.59
C VAL A 58 -2.48 13.43 -12.90
N PRO A 59 -3.32 13.08 -13.90
CA PRO A 59 -3.38 13.76 -15.20
C PRO A 59 -3.90 15.18 -14.99
N SER A 60 -3.50 16.10 -15.86
CA SER A 60 -3.90 17.49 -15.77
C SER A 60 -5.40 17.78 -15.80
N ARG A 61 -6.19 16.85 -16.29
CA ARG A 61 -7.65 17.05 -16.36
C ARG A 61 -8.29 17.19 -14.97
N PHE A 62 -7.63 16.68 -13.94
CA PHE A 62 -8.09 16.73 -12.55
C PHE A 62 -7.67 18.01 -11.83
N SER A 63 -8.52 18.47 -10.93
CA SER A 63 -8.24 19.65 -10.13
C SER A 63 -9.17 19.63 -8.93
N GLY A 64 -8.85 20.45 -7.95
CA GLY A 64 -9.66 20.57 -6.75
C GLY A 64 -9.85 22.06 -6.51
N SER A 65 -10.94 22.42 -5.84
CA SER A 65 -11.20 23.82 -5.57
C SER A 65 -11.53 24.15 -4.12
N ASP A 66 -11.01 25.31 -3.72
CA ASP A 66 -11.18 25.88 -2.40
C ASP A 66 -12.16 27.04 -2.45
N SER A 67 -12.13 27.79 -3.53
CA SER A 67 -12.93 29.00 -3.72
C SER A 67 -14.45 28.97 -3.65
N GLY A 68 -15.04 27.82 -3.38
CA GLY A 68 -16.49 27.75 -3.32
C GLY A 68 -16.99 27.70 -1.90
N LYS A 69 -18.26 27.35 -1.75
CA LYS A 69 -18.89 27.23 -0.45
C LYS A 69 -18.30 26.03 0.30
N ASP A 70 -18.03 24.97 -0.44
CA ASP A 70 -17.48 23.75 0.13
C ASP A 70 -16.21 23.35 -0.64
N TYR A 71 -16.06 22.05 -0.91
CA TYR A 71 -14.89 21.55 -1.65
C TYR A 71 -15.33 20.75 -2.85
N THR A 72 -14.53 20.79 -3.92
CA THR A 72 -14.88 20.03 -5.11
C THR A 72 -13.65 19.44 -5.77
N LEU A 73 -13.90 18.39 -6.53
CA LEU A 73 -12.89 17.70 -7.32
C LEU A 73 -13.48 17.80 -8.72
N SER A 74 -12.72 18.33 -9.67
CA SER A 74 -13.24 18.46 -11.01
C SER A 74 -12.37 17.75 -12.04
N ILE A 75 -13.03 17.26 -13.08
CA ILE A 75 -12.37 16.61 -14.20
C ILE A 75 -12.97 17.37 -15.40
N THR A 76 -12.10 18.03 -16.16
CA THR A 76 -12.52 18.81 -17.33
C THR A 76 -13.06 17.96 -18.49
N SER A 77 -12.42 16.81 -18.71
CA SER A 77 -12.77 15.91 -19.81
C SER A 77 -12.71 14.48 -19.28
N LEU A 78 -13.86 13.93 -18.91
CA LEU A 78 -13.91 12.57 -18.38
C LEU A 78 -13.46 11.47 -19.36
N GLN A 79 -12.42 10.73 -18.99
CA GLN A 79 -11.90 9.62 -19.81
C GLN A 79 -12.38 8.29 -19.24
N THR A 80 -12.37 7.24 -20.04
CA THR A 80 -12.83 5.94 -19.58
C THR A 80 -12.07 5.47 -18.34
N GLU A 81 -10.79 5.82 -18.29
CA GLU A 81 -9.93 5.43 -17.17
C GLU A 81 -10.29 6.14 -15.85
N ASP A 82 -11.18 7.11 -15.90
CA ASP A 82 -11.57 7.83 -14.70
C ASP A 82 -12.76 7.22 -13.98
N VAL A 83 -13.39 6.20 -14.57
CA VAL A 83 -14.53 5.54 -13.93
C VAL A 83 -14.03 4.90 -12.61
N ALA A 84 -14.47 5.47 -11.49
CA ALA A 84 -14.05 5.03 -10.17
C ALA A 84 -14.91 5.70 -9.09
N THR A 85 -14.59 5.41 -7.83
CA THR A 85 -15.29 6.03 -6.71
C THR A 85 -14.27 6.97 -6.05
N TYR A 86 -14.72 8.20 -5.78
CA TYR A 86 -13.85 9.21 -5.19
C TYR A 86 -14.30 9.54 -3.79
N PHE A 87 -13.33 9.57 -2.88
CA PHE A 87 -13.56 9.84 -1.47
C PHE A 87 -12.77 11.06 -1.02
N CYS A 88 -13.42 11.94 -0.26
CA CYS A 88 -12.74 13.10 0.31
C CYS A 88 -12.48 12.68 1.77
N GLN A 89 -11.50 13.31 2.42
CA GLN A 89 -11.16 12.98 3.81
C GLN A 89 -10.48 14.19 4.46
N GLN A 90 -10.88 14.51 5.68
CA GLN A 90 -10.27 15.64 6.38
C GLN A 90 -9.21 15.16 7.36
N TYR A 91 -8.18 15.97 7.54
CA TYR A 91 -7.14 15.66 8.50
C TYR A 91 -6.80 16.93 9.26
N TRP A 92 -7.82 17.77 9.44
CA TRP A 92 -7.66 19.02 10.17
C TRP A 92 -7.59 18.69 11.65
N SER A 93 -8.57 17.94 12.14
CA SER A 93 -8.60 17.54 13.55
C SER A 93 -8.92 16.05 13.70
N PRO A 94 -8.27 15.39 14.68
CA PRO A 94 -8.45 13.97 14.96
C PRO A 94 -9.86 13.65 15.44
N PRO A 95 -10.40 12.48 15.06
CA PRO A 95 -9.69 11.52 14.18
C PRO A 95 -9.98 11.87 12.73
N PRO A 96 -9.09 11.48 11.79
CA PRO A 96 -9.36 11.79 10.38
C PRO A 96 -10.64 11.05 9.98
N THR A 97 -11.48 11.73 9.21
CA THR A 97 -12.78 11.20 8.78
C THR A 97 -12.98 11.32 7.27
N PHE A 98 -13.64 10.33 6.68
CA PHE A 98 -13.89 10.27 5.24
C PHE A 98 -15.30 10.62 4.81
N GLY A 99 -15.45 11.09 3.58
CA GLY A 99 -16.76 11.37 3.03
C GLY A 99 -17.30 10.01 2.60
N GLY A 100 -18.56 9.93 2.22
CA GLY A 100 -19.13 8.65 1.84
C GLY A 100 -18.76 8.04 0.50
N GLY A 101 -18.12 8.82 -0.38
CA GLY A 101 -17.77 8.30 -1.71
C GLY A 101 -18.81 8.63 -2.78
N THR A 102 -18.30 9.01 -3.96
CA THR A 102 -19.15 9.34 -5.11
C THR A 102 -18.62 8.48 -6.26
N LYS A 103 -19.48 7.61 -6.75
CA LYS A 103 -19.16 6.67 -7.80
C LYS A 103 -19.50 7.26 -9.15
N LEU A 104 -18.63 7.04 -10.13
CA LEU A 104 -18.88 7.55 -11.48
C LEU A 104 -19.08 6.42 -12.47
N GLU A 105 -20.07 6.58 -13.34
CA GLU A 105 -20.37 5.62 -14.38
C GLU A 105 -20.24 6.38 -15.69
N ILE A 106 -19.70 5.74 -16.71
CA ILE A 106 -19.55 6.38 -17.99
C ILE A 106 -20.67 5.93 -18.93
N LYS A 107 -21.19 6.86 -19.73
CA LYS A 107 -22.24 6.53 -20.66
C LYS A 107 -21.58 6.02 -21.93
N ARG A 108 -22.35 5.24 -22.69
CA ARG A 108 -21.92 4.65 -23.95
C ARG A 108 -23.16 4.27 -24.75
N ALA A 109 -22.94 3.81 -25.98
CA ALA A 109 -24.05 3.42 -26.85
C ALA A 109 -24.88 2.28 -26.27
N ASP A 110 -26.17 2.29 -26.56
CA ASP A 110 -27.04 1.22 -26.10
C ASP A 110 -26.57 -0.06 -26.76
N ALA A 111 -26.66 -1.16 -26.02
CA ALA A 111 -26.26 -2.45 -26.51
C ALA A 111 -27.21 -3.48 -25.92
N ALA A 112 -27.80 -4.28 -26.79
CA ALA A 112 -28.73 -5.33 -26.38
C ALA A 112 -27.89 -6.48 -25.79
N PRO A 113 -28.41 -7.17 -24.78
CA PRO A 113 -27.67 -8.30 -24.17
C PRO A 113 -27.61 -9.60 -24.96
N THR A 114 -26.48 -10.32 -24.85
CA THR A 114 -26.32 -11.62 -25.49
C THR A 114 -26.82 -12.56 -24.39
N VAL A 115 -27.90 -13.28 -24.65
CA VAL A 115 -28.51 -14.12 -23.65
C VAL A 115 -28.28 -15.62 -23.84
N SER A 116 -28.04 -16.33 -22.73
CA SER A 116 -27.80 -17.76 -22.77
C SER A 116 -28.49 -18.49 -21.61
N ILE A 117 -29.19 -19.59 -21.89
CA ILE A 117 -29.86 -20.36 -20.85
C ILE A 117 -29.09 -21.68 -20.63
N PHE A 118 -29.01 -22.13 -19.38
CA PHE A 118 -28.30 -23.36 -19.03
C PHE A 118 -29.09 -24.22 -18.04
N PRO A 119 -29.35 -25.49 -18.41
CA PRO A 119 -30.09 -26.46 -17.59
C PRO A 119 -29.27 -26.88 -16.38
N PRO A 120 -29.90 -27.57 -15.42
CA PRO A 120 -29.21 -28.03 -14.22
C PRO A 120 -28.18 -29.09 -14.60
N SER A 121 -27.06 -29.17 -13.87
CA SER A 121 -26.05 -30.16 -14.19
C SER A 121 -26.45 -31.50 -13.57
N SER A 122 -25.83 -32.57 -14.05
CA SER A 122 -26.11 -33.91 -13.53
C SER A 122 -25.65 -33.99 -12.07
N GLU A 123 -24.55 -33.31 -11.79
CA GLU A 123 -23.96 -33.26 -10.44
C GLU A 123 -24.92 -32.66 -9.42
N GLN A 124 -25.62 -31.59 -9.79
CA GLN A 124 -26.56 -30.96 -8.88
C GLN A 124 -27.83 -31.79 -8.76
N LEU A 125 -28.32 -32.28 -9.88
CA LEU A 125 -29.52 -33.11 -9.87
C LEU A 125 -29.28 -34.33 -8.98
N THR A 126 -28.05 -34.85 -9.03
CA THR A 126 -27.67 -35.99 -8.20
C THR A 126 -27.89 -35.64 -6.73
N SER A 127 -27.48 -34.44 -6.33
CA SER A 127 -27.63 -34.00 -4.95
C SER A 127 -29.05 -33.56 -4.59
N GLY A 128 -29.97 -33.65 -5.54
CA GLY A 128 -31.35 -33.29 -5.27
C GLY A 128 -31.76 -31.86 -5.61
N GLY A 129 -30.82 -31.07 -6.10
CA GLY A 129 -31.15 -29.69 -6.44
C GLY A 129 -31.33 -29.49 -7.94
N ALA A 130 -31.77 -28.30 -8.33
CA ALA A 130 -31.96 -27.99 -9.73
C ALA A 130 -31.93 -26.49 -9.97
N SER A 131 -30.81 -26.01 -10.50
CA SER A 131 -30.66 -24.59 -10.80
C SER A 131 -30.50 -24.32 -12.31
N VAL A 132 -31.35 -23.44 -12.84
CA VAL A 132 -31.31 -23.08 -14.25
C VAL A 132 -30.71 -21.67 -14.28
N VAL A 133 -29.75 -21.44 -15.18
CA VAL A 133 -29.11 -20.14 -15.26
C VAL A 133 -29.25 -19.44 -16.60
N CYS A 134 -29.24 -18.12 -16.55
CA CYS A 134 -29.31 -17.30 -17.75
C CYS A 134 -28.32 -16.14 -17.62
N PHE A 135 -27.38 -16.08 -18.56
CA PHE A 135 -26.38 -15.03 -18.61
C PHE A 135 -26.89 -14.02 -19.61
N LEU A 136 -26.85 -12.74 -19.23
CA LEU A 136 -27.25 -11.64 -20.10
C LEU A 136 -25.98 -10.79 -20.18
N ASN A 137 -25.16 -11.08 -21.19
CA ASN A 137 -23.88 -10.41 -21.37
C ASN A 137 -23.76 -9.21 -22.29
N ASN A 138 -22.90 -8.29 -21.86
CA ASN A 138 -22.56 -7.08 -22.60
C ASN A 138 -23.70 -6.19 -23.09
N PHE A 139 -24.39 -5.57 -22.15
CA PHE A 139 -25.49 -4.68 -22.45
C PHE A 139 -25.31 -3.29 -21.81
N TYR A 140 -26.17 -2.36 -22.20
CA TYR A 140 -26.17 -0.99 -21.69
C TYR A 140 -27.45 -0.34 -22.19
N PRO A 141 -28.12 0.46 -21.35
CA PRO A 141 -27.79 0.80 -19.96
C PRO A 141 -27.96 -0.38 -18.97
N LYS A 142 -27.52 -0.14 -17.74
CA LYS A 142 -27.53 -1.12 -16.66
C LYS A 142 -28.88 -1.79 -16.34
N ASP A 143 -29.93 -1.00 -16.29
CA ASP A 143 -31.26 -1.51 -15.97
C ASP A 143 -31.75 -2.61 -16.94
N ILE A 144 -32.10 -3.75 -16.37
CA ILE A 144 -32.57 -4.88 -17.15
C ILE A 144 -33.48 -5.74 -16.27
N ASN A 145 -34.30 -6.57 -16.91
CA ASN A 145 -35.25 -7.43 -16.21
C ASN A 145 -35.25 -8.85 -16.79
N VAL A 146 -35.32 -9.85 -15.91
CA VAL A 146 -35.37 -11.26 -16.32
C VAL A 146 -36.63 -11.91 -15.73
N LYS A 147 -37.41 -12.55 -16.58
CA LYS A 147 -38.63 -13.21 -16.13
C LYS A 147 -38.48 -14.70 -16.35
N TRP A 148 -38.69 -15.47 -15.29
CA TRP A 148 -38.61 -16.92 -15.39
C TRP A 148 -39.99 -17.52 -15.54
N LYS A 149 -40.15 -18.36 -16.55
CA LYS A 149 -41.41 -19.04 -16.84
C LYS A 149 -41.21 -20.55 -16.94
N ILE A 150 -41.94 -21.28 -16.09
CA ILE A 150 -41.88 -22.74 -16.10
C ILE A 150 -43.19 -23.20 -16.76
N ASP A 151 -43.04 -23.85 -17.91
CA ASP A 151 -44.19 -24.31 -18.69
C ASP A 151 -45.15 -23.14 -18.96
N GLY A 152 -44.58 -22.01 -19.33
CA GLY A 152 -45.37 -20.83 -19.66
C GLY A 152 -45.80 -19.92 -18.54
N SER A 153 -45.74 -20.39 -17.30
CA SER A 153 -46.16 -19.56 -16.17
C SER A 153 -44.96 -19.00 -15.41
N GLU A 154 -45.02 -17.73 -15.07
CA GLU A 154 -43.93 -17.08 -14.36
C GLU A 154 -43.61 -17.77 -13.03
N ARG A 155 -42.38 -17.60 -12.58
CA ARG A 155 -41.88 -18.15 -11.34
C ARG A 155 -41.14 -16.99 -10.67
N GLN A 156 -41.57 -16.58 -9.49
CA GLN A 156 -40.90 -15.48 -8.79
C GLN A 156 -39.94 -15.91 -7.69
N ASN A 157 -40.20 -17.06 -7.07
CA ASN A 157 -39.34 -17.54 -6.00
C ASN A 157 -38.12 -18.38 -6.37
N GLY A 158 -37.06 -18.20 -5.59
CA GLY A 158 -35.83 -18.92 -5.84
C GLY A 158 -34.94 -18.25 -6.87
N VAL A 159 -34.92 -16.91 -6.90
CA VAL A 159 -34.11 -16.16 -7.88
C VAL A 159 -32.97 -15.30 -7.30
N LEU A 160 -31.79 -15.44 -7.91
CA LEU A 160 -30.60 -14.69 -7.53
C LEU A 160 -30.06 -14.00 -8.79
N ASN A 161 -30.05 -12.67 -8.78
CA ASN A 161 -29.56 -11.88 -9.90
C ASN A 161 -28.35 -11.08 -9.47
N SER A 162 -27.25 -11.18 -10.22
CA SER A 162 -26.02 -10.46 -9.90
C SER A 162 -25.49 -9.71 -11.12
N TRP A 163 -25.33 -8.40 -10.98
CA TRP A 163 -24.81 -7.53 -12.04
C TRP A 163 -23.31 -7.38 -11.82
N THR A 164 -22.54 -7.22 -12.88
CA THR A 164 -21.09 -7.00 -12.73
C THR A 164 -20.86 -5.49 -12.63
N ASP A 165 -19.64 -5.11 -12.28
CA ASP A 165 -19.27 -3.69 -12.23
C ASP A 165 -19.13 -3.28 -13.71
N GLN A 166 -19.22 -1.99 -14.00
CA GLN A 166 -19.09 -1.51 -15.38
C GLN A 166 -17.74 -1.93 -15.93
N ASP A 167 -17.73 -2.55 -17.11
CA ASP A 167 -16.50 -3.02 -17.74
C ASP A 167 -15.49 -1.91 -17.99
N SER A 168 -14.29 -2.09 -17.44
CA SER A 168 -13.23 -1.09 -17.57
C SER A 168 -12.81 -0.75 -18.99
N LYS A 169 -13.17 -1.60 -19.94
CA LYS A 169 -12.80 -1.38 -21.33
C LYS A 169 -13.97 -0.97 -22.22
N ASP A 170 -14.97 -1.82 -22.39
CA ASP A 170 -16.10 -1.48 -23.26
C ASP A 170 -17.25 -0.78 -22.55
N SER A 171 -17.16 -0.65 -21.23
CA SER A 171 -18.19 0.02 -20.44
C SER A 171 -19.61 -0.59 -20.44
N THR A 172 -19.73 -1.87 -20.77
CA THR A 172 -21.04 -2.54 -20.75
C THR A 172 -21.24 -3.22 -19.39
N TYR A 173 -22.42 -3.81 -19.20
CA TYR A 173 -22.76 -4.54 -17.98
C TYR A 173 -23.21 -5.95 -18.36
N SER A 174 -23.11 -6.89 -17.42
CA SER A 174 -23.55 -8.26 -17.63
C SER A 174 -24.32 -8.64 -16.37
N MET A 175 -25.22 -9.60 -16.50
CA MET A 175 -26.02 -10.02 -15.35
C MET A 175 -26.26 -11.53 -15.41
N SER A 176 -26.17 -12.17 -14.25
CA SER A 176 -26.39 -13.60 -14.13
C SER A 176 -27.65 -13.79 -13.32
N SER A 177 -28.54 -14.65 -13.81
CA SER A 177 -29.80 -14.94 -13.14
C SER A 177 -29.94 -16.45 -12.95
N THR A 178 -30.07 -16.88 -11.69
CA THR A 178 -30.23 -18.29 -11.38
C THR A 178 -31.59 -18.57 -10.71
N LEU A 179 -32.32 -19.56 -11.22
CA LEU A 179 -33.60 -19.98 -10.65
C LEU A 179 -33.37 -21.34 -10.02
N THR A 180 -33.42 -21.42 -8.69
CA THR A 180 -33.21 -22.70 -8.03
C THR A 180 -34.51 -23.33 -7.55
N LEU A 181 -34.69 -24.61 -7.91
CA LEU A 181 -35.86 -25.39 -7.53
C LEU A 181 -35.30 -26.71 -6.99
N THR A 182 -36.17 -27.61 -6.54
CA THR A 182 -35.69 -28.90 -6.08
C THR A 182 -35.74 -29.79 -7.31
N LYS A 183 -34.97 -30.87 -7.31
CA LYS A 183 -35.01 -31.77 -8.47
C LYS A 183 -36.44 -32.30 -8.68
N ASP A 184 -37.15 -32.55 -7.57
CA ASP A 184 -38.53 -33.05 -7.65
C ASP A 184 -39.40 -32.10 -8.44
N GLU A 185 -39.43 -30.83 -8.04
CA GLU A 185 -40.24 -29.84 -8.76
C GLU A 185 -39.81 -29.70 -10.22
N TYR A 186 -38.49 -29.65 -10.43
CA TYR A 186 -37.92 -29.51 -11.77
C TYR A 186 -38.42 -30.59 -12.73
N GLU A 187 -38.37 -31.84 -12.27
CA GLU A 187 -38.81 -32.93 -13.10
C GLU A 187 -40.33 -32.99 -13.30
N ARG A 188 -41.05 -32.02 -12.72
CA ARG A 188 -42.50 -31.92 -12.87
C ARG A 188 -42.87 -31.08 -14.08
N HIS A 189 -41.87 -30.57 -14.80
CA HIS A 189 -42.14 -29.73 -15.97
C HIS A 189 -41.14 -29.95 -17.07
N ASN A 190 -41.47 -29.47 -18.28
CA ASN A 190 -40.61 -29.62 -19.46
C ASN A 190 -39.91 -28.34 -19.91
N SER A 191 -40.67 -27.36 -20.36
CA SER A 191 -40.08 -26.13 -20.85
C SER A 191 -39.67 -25.10 -19.77
N TYR A 192 -38.41 -24.68 -19.86
CA TYR A 192 -37.84 -23.69 -18.95
C TYR A 192 -37.37 -22.52 -19.80
N THR A 193 -37.90 -21.33 -19.48
CA THR A 193 -37.62 -20.11 -20.22
C THR A 193 -37.32 -18.87 -19.39
N CYS A 194 -36.39 -18.06 -19.89
CA CYS A 194 -36.05 -16.79 -19.24
C CYS A 194 -36.23 -15.73 -20.33
N GLU A 195 -36.92 -14.65 -19.97
CA GLU A 195 -37.16 -13.56 -20.91
C GLU A 195 -36.39 -12.37 -20.38
N ALA A 196 -35.55 -11.80 -21.24
CA ALA A 196 -34.76 -10.63 -20.86
C ALA A 196 -35.42 -9.40 -21.46
N THR A 197 -35.82 -8.47 -20.60
CA THR A 197 -36.44 -7.24 -21.05
C THR A 197 -35.44 -6.11 -20.82
N HIS A 198 -35.18 -5.36 -21.88
CA HIS A 198 -34.20 -4.28 -21.87
C HIS A 198 -34.67 -3.14 -22.77
N LYS A 199 -34.09 -1.97 -22.56
CA LYS A 199 -34.36 -0.74 -23.31
C LYS A 199 -34.23 -0.91 -24.82
N THR A 200 -33.27 -1.71 -25.24
CA THR A 200 -32.99 -1.93 -26.65
C THR A 200 -34.05 -2.64 -27.48
N SER A 201 -35.24 -2.84 -26.92
CA SER A 201 -36.30 -3.51 -27.67
C SER A 201 -37.64 -3.53 -26.93
N THR A 202 -38.70 -3.76 -27.70
CA THR A 202 -40.04 -3.85 -27.14
C THR A 202 -40.31 -5.32 -26.80
N SER A 203 -39.81 -6.22 -27.64
CA SER A 203 -40.00 -7.64 -27.44
C SER A 203 -38.80 -8.22 -26.69
N PRO A 204 -39.06 -8.93 -25.58
CA PRO A 204 -37.97 -9.51 -24.78
C PRO A 204 -37.18 -10.58 -25.53
N ILE A 205 -35.89 -10.66 -25.21
CA ILE A 205 -35.03 -11.66 -25.80
C ILE A 205 -35.40 -12.88 -24.98
N VAL A 206 -35.86 -13.93 -25.64
CA VAL A 206 -36.30 -15.13 -24.97
C VAL A 206 -35.46 -16.36 -25.29
N LYS A 207 -35.06 -17.08 -24.25
CA LYS A 207 -34.29 -18.31 -24.41
C LYS A 207 -34.98 -19.38 -23.59
N SER A 208 -34.88 -20.63 -24.04
CA SER A 208 -35.50 -21.73 -23.33
C SER A 208 -35.03 -23.09 -23.83
N PHE A 209 -35.35 -24.11 -23.05
CA PHE A 209 -34.99 -25.48 -23.40
C PHE A 209 -36.09 -26.37 -22.83
N ASN A 210 -36.29 -27.53 -23.42
CA ASN A 210 -37.30 -28.47 -22.95
C ASN A 210 -36.58 -29.57 -22.20
N ARG A 211 -37.07 -29.89 -21.00
CA ARG A 211 -36.43 -30.91 -20.16
C ARG A 211 -36.49 -32.29 -20.83
N ASN A 212 -37.19 -32.68 -21.64
CA ASN A 212 -37.12 -33.96 -22.36
C ASN A 212 -36.60 -33.79 -23.79
N GLU A 213 -35.50 -33.49 -23.94
CA GLU A 213 -34.85 -33.27 -25.26
C GLU A 213 -33.61 -34.13 -25.38
N CYS A 214 -33.31 -34.99 -23.98
CA CYS A 214 -32.10 -35.77 -23.67
C CYS A 214 -32.36 -36.97 -22.73
N GLU B 1 10.73 1.85 -3.04
CA GLU B 1 9.47 2.48 -2.54
C GLU B 1 8.78 1.45 -1.66
N VAL B 2 8.07 1.92 -0.64
CA VAL B 2 7.36 1.04 0.30
C VAL B 2 6.33 0.17 -0.36
N GLN B 3 6.15 -1.02 0.22
CA GLN B 3 5.17 -2.01 -0.22
C GLN B 3 4.56 -2.43 1.12
N LEU B 4 3.23 -2.49 1.19
CA LEU B 4 2.52 -2.88 2.41
C LEU B 4 1.66 -4.07 2.03
N GLN B 5 1.53 -5.03 2.94
CA GLN B 5 0.72 -6.23 2.71
C GLN B 5 0.10 -6.73 4.02
N GLU B 6 -1.24 -6.77 4.04
CA GLU B 6 -1.98 -7.21 5.21
C GLU B 6 -2.11 -8.71 5.18
N SER B 7 -2.08 -9.33 6.35
CA SER B 7 -2.25 -10.76 6.47
C SER B 7 -3.09 -11.04 7.73
N GLY B 8 -3.97 -12.03 7.63
CA GLY B 8 -4.83 -12.39 8.73
C GLY B 8 -5.94 -13.31 8.24
N PRO B 9 -6.69 -13.96 9.13
CA PRO B 9 -7.80 -14.88 8.81
C PRO B 9 -9.00 -14.19 8.18
N SER B 10 -9.67 -14.89 7.27
CA SER B 10 -10.84 -14.32 6.63
C SER B 10 -12.12 -14.50 7.45
N LEU B 11 -12.06 -15.32 8.51
CA LEU B 11 -13.22 -15.54 9.35
C LEU B 11 -12.88 -15.61 10.83
N VAL B 12 -13.56 -14.79 11.62
CA VAL B 12 -13.35 -14.74 13.06
C VAL B 12 -14.75 -14.67 13.72
N LYS B 13 -14.96 -15.48 14.76
CA LYS B 13 -16.25 -15.51 15.47
C LYS B 13 -16.47 -14.39 16.47
N PRO B 14 -17.73 -13.95 16.61
CA PRO B 14 -18.00 -12.88 17.57
C PRO B 14 -17.48 -13.29 18.95
N SER B 15 -17.11 -12.29 19.73
CA SER B 15 -16.55 -12.42 21.07
C SER B 15 -15.05 -12.72 21.01
N GLN B 16 -14.57 -13.16 19.85
CA GLN B 16 -13.15 -13.46 19.67
C GLN B 16 -12.29 -12.25 19.28
N THR B 17 -10.98 -12.46 19.24
CA THR B 17 -10.04 -11.41 18.90
C THR B 17 -9.55 -11.48 17.46
N LEU B 18 -9.55 -10.33 16.79
CA LEU B 18 -9.06 -10.23 15.40
C LEU B 18 -7.63 -9.67 15.42
N SER B 19 -6.71 -10.43 14.85
CA SER B 19 -5.32 -10.02 14.79
C SER B 19 -4.90 -9.99 13.34
N LEU B 20 -4.30 -8.88 12.93
CA LEU B 20 -3.83 -8.73 11.57
C LEU B 20 -2.40 -8.25 11.58
N THR B 21 -1.68 -8.56 10.51
CA THR B 21 -0.28 -8.16 10.38
C THR B 21 -0.05 -7.36 9.10
N CYS B 22 0.80 -6.34 9.18
CA CYS B 22 1.15 -5.55 8.01
C CYS B 22 2.65 -5.74 7.82
N SER B 23 3.01 -6.38 6.73
CA SER B 23 4.40 -6.63 6.39
C SER B 23 4.84 -5.53 5.44
N VAL B 24 5.78 -4.71 5.87
CA VAL B 24 6.24 -3.60 5.05
C VAL B 24 7.63 -3.82 4.50
N THR B 25 7.81 -3.53 3.21
CA THR B 25 9.09 -3.68 2.55
C THR B 25 9.45 -2.37 1.85
N GLY B 26 10.73 -2.19 1.60
CA GLY B 26 11.19 -1.00 0.89
C GLY B 26 11.41 0.24 1.73
N GLU B 27 11.15 0.16 3.03
CA GLU B 27 11.32 1.29 3.95
C GLU B 27 11.07 0.81 5.38
N PRO B 28 11.88 1.27 6.34
CA PRO B 28 11.71 0.87 7.74
C PRO B 28 10.57 1.64 8.39
N ILE B 29 9.84 0.98 9.27
CA ILE B 29 8.72 1.61 9.94
C ILE B 29 9.16 2.48 11.10
N THR B 30 10.47 2.70 11.20
CA THR B 30 10.98 3.52 12.28
C THR B 30 10.72 5.03 12.10
N SER B 31 10.37 5.43 10.88
CA SER B 31 10.02 6.81 10.55
C SER B 31 8.62 6.83 9.94
N GLY B 32 7.88 7.93 10.13
CA GLY B 32 6.55 8.06 9.56
C GLY B 32 5.38 7.53 10.40
N PHE B 33 4.19 7.53 9.82
CA PHE B 33 2.97 7.05 10.47
C PHE B 33 2.45 5.81 9.71
N TRP B 34 2.18 4.75 10.46
CA TRP B 34 1.72 3.49 9.90
C TRP B 34 0.34 3.21 10.49
N ASP B 35 -0.67 3.33 9.63
CA ASP B 35 -2.07 3.21 10.01
C ASP B 35 -2.81 1.94 9.66
N TRP B 36 -4.03 1.86 10.20
CA TRP B 36 -4.98 0.78 9.96
C TRP B 36 -6.30 1.49 9.64
N ILE B 37 -6.85 1.17 8.49
CA ILE B 37 -8.09 1.77 8.00
C ILE B 37 -8.94 0.58 7.53
N ARG B 38 -10.24 0.64 7.71
CA ARG B 38 -11.11 -0.45 7.30
C ARG B 38 -12.20 0.07 6.37
N LYS B 39 -12.71 -0.81 5.52
CA LYS B 39 -13.76 -0.45 4.56
C LYS B 39 -14.99 -1.32 4.81
N PHE B 40 -16.04 -0.73 5.36
CA PHE B 40 -17.28 -1.47 5.65
C PHE B 40 -18.05 -1.89 4.39
N PRO B 41 -18.85 -2.97 4.48
CA PRO B 41 -19.65 -3.49 3.37
C PRO B 41 -20.46 -2.44 2.57
N GLY B 42 -20.90 -1.37 3.24
CA GLY B 42 -21.65 -0.36 2.52
C GLY B 42 -20.75 0.60 1.76
N ASN B 43 -19.46 0.27 1.68
CA ASN B 43 -18.44 1.08 1.00
C ASN B 43 -18.04 2.31 1.82
N LYS B 44 -18.08 2.18 3.14
CA LYS B 44 -17.73 3.28 4.03
C LYS B 44 -16.32 3.08 4.62
N LEU B 45 -15.48 4.13 4.56
CA LEU B 45 -14.11 4.08 5.08
C LEU B 45 -14.01 4.60 6.51
N GLU B 46 -13.12 4.01 7.28
CA GLU B 46 -12.93 4.40 8.67
C GLU B 46 -11.49 4.25 9.16
N PHE B 47 -10.93 5.34 9.67
CA PHE B 47 -9.59 5.32 10.24
C PHE B 47 -9.66 4.61 11.61
N MET B 48 -8.73 3.70 11.87
CA MET B 48 -8.72 3.00 13.14
C MET B 48 -7.61 3.48 14.08
N GLY B 49 -6.39 3.57 13.58
CA GLY B 49 -5.30 4.05 14.41
C GLY B 49 -3.97 3.96 13.71
N TYR B 50 -2.92 4.39 14.38
CA TYR B 50 -1.58 4.34 13.83
C TYR B 50 -0.51 4.15 14.91
N ILE B 51 0.67 3.76 14.46
CA ILE B 51 1.84 3.61 15.31
C ILE B 51 2.91 4.44 14.55
N ARG B 52 3.75 5.14 15.31
CA ARG B 52 4.77 6.00 14.72
C ARG B 52 6.13 5.89 15.41
N TYR B 53 6.89 6.98 15.38
CA TYR B 53 8.22 7.01 15.98
C TYR B 53 8.27 6.50 17.42
N GLY B 54 9.23 5.62 17.69
CA GLY B 54 9.40 5.06 19.03
C GLY B 54 8.23 4.21 19.50
N GLY B 55 7.39 3.76 18.56
CA GLY B 55 6.25 2.94 18.93
C GLY B 55 5.08 3.72 19.51
N GLY B 56 5.07 5.04 19.37
CA GLY B 56 3.96 5.83 19.87
C GLY B 56 2.71 5.52 19.04
N THR B 57 1.54 5.57 19.65
CA THR B 57 0.30 5.26 18.94
C THR B 57 -0.83 6.28 19.15
N TYR B 58 -1.88 6.13 18.36
CA TYR B 58 -3.08 6.96 18.47
C TYR B 58 -4.22 6.07 17.98
N TYR B 59 -5.36 6.12 18.65
CA TYR B 59 -6.48 5.28 18.26
C TYR B 59 -7.74 6.10 18.13
N ASN B 60 -8.53 5.82 17.11
CA ASN B 60 -9.77 6.53 16.86
C ASN B 60 -10.67 6.32 18.08
N PRO B 61 -10.99 7.40 18.81
CA PRO B 61 -11.84 7.26 19.99
C PRO B 61 -13.28 6.83 19.72
N SER B 62 -13.73 7.00 18.48
CA SER B 62 -15.10 6.66 18.11
C SER B 62 -15.34 5.19 17.77
N LEU B 63 -14.28 4.39 17.80
CA LEU B 63 -14.42 2.97 17.49
C LEU B 63 -15.33 2.26 18.48
N LYS B 64 -16.22 1.43 17.95
CA LYS B 64 -17.17 0.68 18.75
C LYS B 64 -16.44 -0.20 19.77
N SER B 65 -15.37 -0.86 19.32
CA SER B 65 -14.58 -1.72 20.18
C SER B 65 -13.15 -1.24 20.17
N PRO B 66 -12.47 -1.25 21.34
CA PRO B 66 -11.08 -0.82 21.50
C PRO B 66 -10.07 -1.72 20.79
N ILE B 67 -9.03 -1.09 20.26
CA ILE B 67 -7.97 -1.77 19.54
C ILE B 67 -6.59 -1.43 20.10
N SER B 68 -5.58 -2.17 19.65
CA SER B 68 -4.21 -1.90 20.05
C SER B 68 -3.30 -2.13 18.85
N ILE B 69 -2.26 -1.31 18.73
CA ILE B 69 -1.31 -1.43 17.63
C ILE B 69 0.09 -1.56 18.20
N THR B 70 0.83 -2.53 17.68
CA THR B 70 2.19 -2.82 18.12
C THR B 70 3.05 -2.96 16.90
N ARG B 71 4.35 -3.10 17.11
CA ARG B 71 5.27 -3.24 16.00
C ARG B 71 6.48 -4.10 16.33
N ASP B 72 7.15 -4.58 15.29
CA ASP B 72 8.34 -5.38 15.43
C ASP B 72 9.29 -4.76 14.42
N THR B 73 10.11 -3.81 14.88
CA THR B 73 11.05 -3.12 14.00
C THR B 73 12.09 -4.08 13.44
N SER B 74 12.30 -5.19 14.15
CA SER B 74 13.25 -6.20 13.69
C SER B 74 12.66 -6.86 12.43
N LYS B 75 11.38 -7.17 12.48
CA LYS B 75 10.69 -7.79 11.36
C LYS B 75 10.13 -6.78 10.37
N ASN B 76 10.09 -5.52 10.80
CA ASN B 76 9.53 -4.44 10.00
C ASN B 76 8.08 -4.80 9.70
N HIS B 77 7.39 -5.22 10.74
CA HIS B 77 5.97 -5.59 10.67
C HIS B 77 5.30 -4.84 11.80
N TYR B 78 4.04 -4.47 11.60
CA TYR B 78 3.30 -3.84 12.67
C TYR B 78 1.96 -4.59 12.70
N TYR B 79 1.30 -4.57 13.84
CA TYR B 79 0.09 -5.34 13.99
C TYR B 79 -1.10 -4.57 14.50
N LEU B 80 -2.26 -5.17 14.28
CA LEU B 80 -3.54 -4.65 14.72
C LEU B 80 -4.24 -5.75 15.54
N GLN B 81 -4.77 -5.39 16.68
CA GLN B 81 -5.49 -6.34 17.50
C GLN B 81 -6.76 -5.70 18.02
N LEU B 82 -7.86 -6.42 17.84
CA LEU B 82 -9.18 -5.99 18.27
C LEU B 82 -9.81 -7.18 19.01
N ASN B 83 -10.09 -6.99 20.28
CA ASN B 83 -10.69 -8.04 21.09
C ASN B 83 -12.20 -7.98 21.06
N SER B 84 -12.82 -9.13 21.35
CA SER B 84 -14.27 -9.23 21.41
C SER B 84 -14.96 -8.57 20.23
N VAL B 85 -14.60 -9.00 19.03
CA VAL B 85 -15.20 -8.45 17.82
C VAL B 85 -16.69 -8.75 17.78
N VAL B 86 -17.42 -7.94 17.02
CA VAL B 86 -18.85 -8.10 16.83
C VAL B 86 -19.05 -8.24 15.32
N THR B 87 -20.24 -8.61 14.88
CA THR B 87 -20.52 -8.77 13.47
C THR B 87 -20.24 -7.50 12.68
N GLU B 88 -20.33 -6.37 13.38
CA GLU B 88 -20.12 -5.06 12.79
C GLU B 88 -18.65 -4.75 12.50
N ASP B 89 -17.76 -5.67 12.86
CA ASP B 89 -16.35 -5.50 12.57
C ASP B 89 -15.98 -6.15 11.24
N THR B 90 -17.01 -6.62 10.52
CA THR B 90 -16.84 -7.22 9.20
C THR B 90 -16.41 -6.11 8.27
N ALA B 91 -15.28 -6.27 7.60
CA ALA B 91 -14.76 -5.23 6.69
C ALA B 91 -13.47 -5.66 5.98
N THR B 92 -13.00 -4.79 5.08
CA THR B 92 -11.74 -5.03 4.40
C THR B 92 -10.78 -4.13 5.16
N TYR B 93 -9.75 -4.74 5.75
CA TYR B 93 -8.76 -4.03 6.54
C TYR B 93 -7.56 -3.67 5.68
N TYR B 94 -7.12 -2.41 5.79
CA TYR B 94 -5.98 -1.90 5.03
C TYR B 94 -4.96 -1.30 5.97
N CYS B 95 -3.69 -1.49 5.65
CA CYS B 95 -2.62 -0.84 6.40
C CYS B 95 -2.10 0.19 5.39
N ALA B 96 -1.64 1.34 5.88
CA ALA B 96 -1.16 2.41 5.00
C ALA B 96 -0.21 3.35 5.70
N ARG B 97 0.71 3.95 4.94
CA ARG B 97 1.67 4.90 5.47
C ARG B 97 1.17 6.30 5.17
N SER B 98 1.24 7.20 6.15
CA SER B 98 0.81 8.55 5.93
C SER B 98 1.71 9.19 4.88
N ARG B 99 1.20 10.21 4.21
CA ARG B 99 1.95 10.90 3.17
C ARG B 99 3.26 11.56 3.65
N ASP B 100 3.19 12.31 4.75
CA ASP B 100 4.35 13.03 5.29
C ASP B 100 4.92 12.38 6.53
N TYR B 101 6.18 12.70 6.83
CA TYR B 101 6.87 12.14 7.99
C TYR B 101 6.59 12.83 9.34
N TYR B 102 5.92 13.97 9.28
CA TYR B 102 5.55 14.77 10.45
C TYR B 102 4.20 15.41 10.12
N GLY B 103 3.50 15.91 11.16
CA GLY B 103 2.21 16.54 10.98
C GLY B 103 1.06 15.65 10.54
N SER B 104 -0.06 16.25 10.17
CA SER B 104 -1.23 15.50 9.71
C SER B 104 -1.32 15.51 8.19
N SER B 105 -1.44 14.34 7.59
CA SER B 105 -1.54 14.24 6.14
C SER B 105 -2.36 13.03 5.73
N GLY B 106 -2.56 12.87 4.43
CA GLY B 106 -3.34 11.76 3.94
C GLY B 106 -2.58 10.46 3.94
N PHE B 107 -3.23 9.40 3.46
CA PHE B 107 -2.65 8.06 3.40
C PHE B 107 -2.21 7.81 1.96
N ALA B 108 -0.89 7.88 1.75
CA ALA B 108 -0.27 7.76 0.44
C ALA B 108 0.01 6.37 -0.10
N PHE B 109 0.45 5.47 0.77
CA PHE B 109 0.79 4.12 0.34
C PHE B 109 -0.09 3.15 1.06
N TRP B 110 -0.83 2.35 0.31
CA TRP B 110 -1.77 1.37 0.87
C TRP B 110 -1.46 -0.06 0.51
N GLY B 111 -1.92 -0.99 1.34
CA GLY B 111 -1.74 -2.41 1.05
C GLY B 111 -2.94 -2.77 0.20
N GLU B 112 -3.01 -3.99 -0.32
CA GLU B 112 -4.14 -4.42 -1.16
C GLU B 112 -5.41 -4.58 -0.33
N GLY B 113 -5.25 -4.91 0.95
CA GLY B 113 -6.37 -5.12 1.85
C GLY B 113 -6.82 -6.57 1.99
N THR B 114 -7.26 -6.95 3.19
CA THR B 114 -7.78 -8.31 3.46
C THR B 114 -9.19 -8.23 4.00
N LEU B 115 -10.05 -9.05 3.43
CA LEU B 115 -11.44 -9.11 3.85
C LEU B 115 -11.53 -10.01 5.09
N VAL B 116 -12.12 -9.48 6.15
CA VAL B 116 -12.27 -10.25 7.37
C VAL B 116 -13.77 -10.26 7.68
N THR B 117 -14.33 -11.45 7.76
CA THR B 117 -15.74 -11.58 8.08
C THR B 117 -15.84 -11.99 9.55
N VAL B 118 -16.72 -11.34 10.30
CA VAL B 118 -16.93 -11.69 11.71
C VAL B 118 -18.33 -12.30 11.76
N SER B 119 -18.40 -13.61 11.94
CA SER B 119 -19.68 -14.30 11.94
C SER B 119 -19.55 -15.63 12.68
N ALA B 120 -20.67 -16.09 13.23
CA ALA B 120 -20.70 -17.37 13.95
C ALA B 120 -20.97 -18.55 12.99
N ALA B 121 -21.33 -18.23 11.74
CA ALA B 121 -21.66 -19.24 10.75
C ALA B 121 -20.48 -20.14 10.41
N LYS B 122 -20.78 -21.41 10.15
CA LYS B 122 -19.77 -22.41 9.83
C LYS B 122 -19.15 -22.27 8.44
N THR B 123 -17.84 -22.45 8.34
CA THR B 123 -17.19 -22.37 7.04
C THR B 123 -17.73 -23.50 6.18
N THR B 124 -18.19 -23.16 4.97
CA THR B 124 -18.77 -24.13 4.04
C THR B 124 -18.17 -24.00 2.64
N PRO B 125 -17.60 -25.09 2.10
CA PRO B 125 -17.01 -25.07 0.77
C PRO B 125 -18.12 -25.03 -0.27
N PRO B 126 -17.83 -24.44 -1.44
CA PRO B 126 -18.82 -24.34 -2.51
C PRO B 126 -19.03 -25.62 -3.28
N SER B 127 -20.18 -25.70 -3.94
CA SER B 127 -20.52 -26.82 -4.80
C SER B 127 -20.35 -26.17 -6.15
N VAL B 128 -19.49 -26.71 -7.00
CA VAL B 128 -19.25 -26.12 -8.30
C VAL B 128 -19.91 -26.92 -9.42
N TYR B 129 -20.80 -26.27 -10.15
CA TYR B 129 -21.52 -26.91 -11.23
C TYR B 129 -21.19 -26.28 -12.56
N PRO B 130 -20.90 -27.11 -13.58
CA PRO B 130 -20.58 -26.66 -14.94
C PRO B 130 -21.81 -26.21 -15.68
N LEU B 131 -21.71 -25.08 -16.37
CA LEU B 131 -22.83 -24.54 -17.14
C LEU B 131 -22.54 -24.71 -18.63
N ALA B 132 -23.13 -25.73 -19.23
CA ALA B 132 -22.96 -26.02 -20.64
C ALA B 132 -24.30 -25.91 -21.36
N PRO B 133 -24.28 -25.45 -22.61
CA PRO B 133 -25.48 -25.28 -23.43
C PRO B 133 -26.37 -26.53 -23.46
N GLY B 134 -27.62 -25.60 -23.18
CA GLY B 134 -28.82 -26.41 -23.15
C GLY B 134 -29.74 -25.82 -24.19
N CYS B 135 -29.86 -26.52 -25.32
CA CYS B 135 -30.69 -26.10 -26.44
C CYS B 135 -30.64 -27.19 -27.52
N GLY B 136 -31.33 -26.97 -28.63
CA GLY B 136 -31.33 -27.95 -29.70
C GLY B 136 -30.60 -27.50 -30.95
N ASP B 137 -29.69 -26.54 -30.79
CA ASP B 137 -28.94 -26.01 -31.92
C ASP B 137 -27.46 -25.98 -31.61
N THR B 138 -26.65 -26.19 -32.65
CA THR B 138 -25.20 -26.13 -32.49
C THR B 138 -24.85 -24.64 -32.52
N THR B 139 -23.83 -24.27 -31.76
CA THR B 139 -23.42 -22.88 -31.67
C THR B 139 -22.95 -22.27 -32.98
N GLY B 140 -23.01 -20.94 -33.05
CA GLY B 140 -22.60 -20.23 -34.23
C GLY B 140 -21.09 -19.98 -34.23
N SER B 141 -20.66 -18.76 -34.19
CA SER B 141 -19.26 -18.39 -34.24
C SER B 141 -18.53 -18.66 -32.91
N SER B 142 -19.16 -18.28 -31.81
CA SER B 142 -18.56 -18.50 -30.49
C SER B 142 -19.57 -19.12 -29.54
N VAL B 143 -19.10 -19.58 -28.40
CA VAL B 143 -19.96 -20.20 -27.42
C VAL B 143 -19.67 -19.70 -26.01
N THR B 144 -20.73 -19.59 -25.22
CA THR B 144 -20.62 -19.14 -23.84
C THR B 144 -20.90 -20.33 -22.93
N LEU B 145 -20.00 -20.50 -21.96
CA LEU B 145 -20.06 -21.57 -20.99
C LEU B 145 -19.94 -20.86 -19.65
N GLY B 146 -20.13 -21.58 -18.56
CA GLY B 146 -20.01 -20.97 -17.26
C GLY B 146 -19.84 -21.98 -16.16
N CYS B 147 -19.82 -21.48 -14.92
CA CYS B 147 -19.69 -22.29 -13.74
C CYS B 147 -20.36 -21.60 -12.57
N LEU B 148 -21.31 -22.32 -11.98
CA LEU B 148 -22.06 -21.85 -10.83
C LEU B 148 -21.30 -22.35 -9.60
N VAL B 149 -21.04 -21.45 -8.67
CA VAL B 149 -20.30 -21.76 -7.44
C VAL B 149 -21.32 -21.44 -6.33
N LYS B 150 -21.94 -22.50 -5.82
CA LYS B 150 -23.04 -22.35 -4.87
C LYS B 150 -22.94 -22.85 -3.44
N GLY B 151 -23.60 -22.11 -2.54
CA GLY B 151 -23.68 -22.44 -1.12
C GLY B 151 -22.42 -22.51 -0.29
N TYR B 152 -21.55 -21.52 -0.41
CA TYR B 152 -20.32 -21.52 0.36
C TYR B 152 -20.42 -20.37 1.33
N PHE B 153 -19.64 -20.34 2.40
CA PHE B 153 -19.84 -19.21 3.29
C PHE B 153 -18.81 -18.11 3.38
N PRO B 154 -17.69 -18.36 4.05
CA PRO B 154 -16.73 -17.24 4.12
C PRO B 154 -16.52 -16.75 2.69
N GLU B 155 -16.75 -15.46 2.46
CA GLU B 155 -16.60 -14.89 1.14
C GLU B 155 -15.22 -15.01 0.55
N SER B 156 -15.22 -14.89 -0.77
CA SER B 156 -14.06 -14.94 -1.61
C SER B 156 -13.64 -16.29 -2.12
N VAL B 157 -13.98 -16.50 -3.38
CA VAL B 157 -13.60 -17.68 -4.13
C VAL B 157 -12.96 -17.06 -5.38
N THR B 158 -12.21 -17.88 -6.11
CA THR B 158 -11.55 -17.42 -7.31
C THR B 158 -11.78 -18.45 -8.40
N VAL B 159 -12.45 -18.03 -9.46
CA VAL B 159 -12.70 -18.92 -10.59
C VAL B 159 -11.69 -18.59 -11.68
N THR B 160 -10.94 -19.61 -12.07
CA THR B 160 -9.91 -19.48 -13.10
C THR B 160 -10.32 -20.38 -14.24
N TRP B 161 -10.19 -19.87 -15.46
CA TRP B 161 -10.56 -20.64 -16.65
C TRP B 161 -9.36 -21.16 -17.39
N ASN B 162 -9.58 -22.26 -18.09
CA ASN B 162 -8.54 -22.90 -18.89
C ASN B 162 -9.28 -23.34 -20.14
N SER B 163 -8.85 -22.83 -21.28
CA SER B 163 -9.48 -23.15 -22.55
C SER B 163 -8.44 -23.35 -23.65
N GLY B 164 -8.90 -23.77 -24.83
CA GLY B 164 -7.99 -23.97 -25.93
C GLY B 164 -7.59 -22.63 -26.50
N SER B 165 -8.59 -21.79 -26.75
CA SER B 165 -8.38 -20.47 -27.32
C SER B 165 -7.46 -19.60 -26.46
N LEU B 166 -6.57 -18.87 -27.12
CA LEU B 166 -5.69 -17.97 -26.39
C LEU B 166 -6.42 -16.63 -26.21
N SER B 167 -7.65 -16.55 -26.73
CA SER B 167 -8.47 -15.35 -26.58
C SER B 167 -9.86 -15.75 -26.11
N SER B 168 -10.32 -15.13 -25.03
CA SER B 168 -11.63 -15.43 -24.47
C SER B 168 -12.18 -14.20 -23.76
N SER B 169 -13.47 -14.25 -23.41
CA SER B 169 -14.12 -13.15 -22.71
C SER B 169 -14.67 -13.73 -21.42
N VAL B 170 -14.19 -13.23 -20.28
CA VAL B 170 -14.63 -13.73 -18.98
C VAL B 170 -15.41 -12.72 -18.14
N HIS B 171 -16.45 -13.21 -17.49
CA HIS B 171 -17.28 -12.40 -16.61
C HIS B 171 -17.45 -13.10 -15.27
N THR B 172 -17.05 -12.41 -14.21
CA THR B 172 -17.13 -12.92 -12.86
C THR B 172 -18.27 -12.18 -12.20
N PHE B 173 -19.35 -12.89 -11.88
CA PHE B 173 -20.50 -12.26 -11.23
C PHE B 173 -20.32 -12.17 -9.73
N PRO B 174 -20.53 -10.96 -9.16
CA PRO B 174 -20.40 -10.69 -7.73
C PRO B 174 -21.22 -11.63 -6.84
N ALA B 175 -20.57 -12.15 -5.80
CA ALA B 175 -21.20 -13.06 -4.85
C ALA B 175 -22.28 -12.34 -4.06
N LEU B 176 -23.38 -13.04 -3.81
CA LEU B 176 -24.52 -12.51 -3.06
C LEU B 176 -25.01 -13.54 -2.05
N LEU B 177 -25.30 -13.05 -0.84
CA LEU B 177 -25.77 -13.87 0.26
C LEU B 177 -27.30 -14.04 0.25
N GLN B 178 -27.75 -15.28 0.41
CA GLN B 178 -29.18 -15.63 0.48
C GLN B 178 -29.26 -16.76 1.51
N SER B 179 -30.10 -16.62 2.52
CA SER B 179 -30.24 -17.62 3.57
C SER B 179 -28.95 -18.02 4.27
N GLY B 180 -28.05 -17.06 4.45
CA GLY B 180 -26.80 -17.31 5.13
C GLY B 180 -25.68 -17.96 4.32
N LEU B 181 -25.86 -18.16 3.01
CA LEU B 181 -24.81 -18.74 2.17
C LEU B 181 -24.59 -17.93 0.90
N TYR B 182 -23.36 -17.97 0.40
CA TYR B 182 -22.98 -17.26 -0.83
C TYR B 182 -23.10 -18.13 -2.08
N THR B 183 -23.41 -17.47 -3.19
CA THR B 183 -23.52 -18.09 -4.49
C THR B 183 -22.99 -17.06 -5.48
N MET B 184 -22.22 -17.53 -6.45
CA MET B 184 -21.62 -16.68 -7.47
C MET B 184 -21.48 -17.51 -8.75
N SER B 185 -21.20 -16.84 -9.87
CA SER B 185 -21.01 -17.53 -11.14
C SER B 185 -19.97 -16.81 -12.00
N SER B 186 -19.55 -17.45 -13.08
CA SER B 186 -18.58 -16.88 -13.99
C SER B 186 -18.86 -17.44 -15.36
N SER B 187 -18.62 -16.66 -16.40
CA SER B 187 -18.87 -17.14 -17.75
C SER B 187 -17.68 -16.85 -18.63
N VAL B 188 -17.52 -17.68 -19.67
CA VAL B 188 -16.46 -17.53 -20.65
C VAL B 188 -17.03 -17.77 -22.02
N THR B 189 -16.59 -16.95 -22.96
CA THR B 189 -17.02 -17.07 -24.35
C THR B 189 -15.76 -17.39 -25.15
N VAL B 190 -15.83 -18.45 -25.94
CA VAL B 190 -14.69 -18.85 -26.77
C VAL B 190 -15.18 -19.19 -28.19
N PRO B 191 -14.25 -19.26 -29.15
CA PRO B 191 -14.64 -19.59 -30.52
C PRO B 191 -15.30 -20.97 -30.51
N SER B 192 -16.41 -21.13 -31.22
CA SER B 192 -17.10 -22.42 -31.27
C SER B 192 -16.14 -23.51 -31.74
N SER B 193 -15.23 -23.12 -32.62
CA SER B 193 -14.24 -24.04 -33.16
C SER B 193 -13.20 -24.51 -32.17
N THR B 194 -13.32 -24.07 -30.92
CA THR B 194 -12.34 -24.45 -29.92
C THR B 194 -12.85 -25.14 -28.66
N TRP B 195 -14.16 -25.20 -28.44
CA TRP B 195 -14.62 -25.85 -27.21
C TRP B 195 -14.82 -27.35 -27.21
N PRO B 196 -15.93 -27.84 -27.83
CA PRO B 196 -16.11 -29.29 -27.81
C PRO B 196 -14.82 -29.94 -28.32
N SER B 197 -14.13 -29.21 -29.19
CA SER B 197 -12.88 -29.64 -29.77
C SER B 197 -11.73 -29.58 -28.78
N GLN B 198 -11.60 -28.45 -28.08
CA GLN B 198 -10.53 -28.26 -27.10
C GLN B 198 -11.11 -27.97 -25.71
N THR B 199 -10.74 -28.80 -24.75
CA THR B 199 -11.19 -28.72 -23.35
C THR B 199 -11.13 -27.34 -22.65
N VAL B 200 -12.21 -27.02 -21.94
CA VAL B 200 -12.36 -25.80 -21.16
C VAL B 200 -12.69 -26.27 -19.73
N THR B 201 -11.96 -25.73 -18.77
CA THR B 201 -12.12 -26.13 -17.38
C THR B 201 -12.11 -24.92 -16.47
N CYS B 202 -12.97 -24.93 -15.46
CA CYS B 202 -12.98 -23.84 -14.49
C CYS B 202 -12.40 -24.41 -13.20
N SER B 203 -11.53 -23.63 -12.57
CA SER B 203 -10.90 -24.03 -11.33
C SER B 203 -11.40 -23.07 -10.28
N VAL B 204 -12.07 -23.60 -9.26
CA VAL B 204 -12.61 -22.77 -8.19
C VAL B 204 -11.88 -22.99 -6.88
N ALA B 205 -11.27 -21.92 -6.36
CA ALA B 205 -10.55 -21.99 -5.10
C ALA B 205 -11.26 -21.25 -3.99
N HIS B 206 -11.38 -21.90 -2.83
CA HIS B 206 -11.99 -21.31 -1.65
C HIS B 206 -11.01 -21.50 -0.49
N PRO B 207 -10.04 -20.57 -0.35
CA PRO B 207 -9.01 -20.57 0.68
C PRO B 207 -9.51 -20.85 2.09
N ALA B 208 -10.63 -20.23 2.46
CA ALA B 208 -11.22 -20.39 3.79
C ALA B 208 -11.46 -21.85 4.21
N SER B 209 -11.71 -22.72 3.25
CA SER B 209 -11.95 -24.13 3.54
C SER B 209 -10.87 -25.00 2.93
N SER B 210 -9.79 -24.36 2.45
CA SER B 210 -8.68 -25.08 1.82
C SER B 210 -9.16 -26.00 0.71
N THR B 211 -10.05 -25.48 -0.15
CA THR B 211 -10.57 -26.27 -1.24
C THR B 211 -10.30 -25.63 -2.59
N THR B 212 -10.29 -26.46 -3.63
CA THR B 212 -10.09 -26.06 -5.02
C THR B 212 -10.72 -27.17 -5.83
N VAL B 213 -11.70 -26.84 -6.66
CA VAL B 213 -12.39 -27.84 -7.48
C VAL B 213 -12.36 -27.41 -8.94
N ASP B 214 -11.93 -28.32 -9.80
CA ASP B 214 -11.86 -28.07 -11.23
C ASP B 214 -13.03 -28.77 -11.88
N LYS B 215 -13.76 -28.08 -12.75
CA LYS B 215 -14.88 -28.68 -13.46
C LYS B 215 -14.67 -28.51 -14.95
N LYS B 216 -14.53 -29.63 -15.65
CA LYS B 216 -14.37 -29.61 -17.11
C LYS B 216 -15.78 -29.43 -17.69
N LEU B 217 -15.87 -28.65 -18.75
CA LEU B 217 -17.17 -28.40 -19.35
C LEU B 217 -17.52 -29.43 -20.43
N GLU B 218 -18.64 -30.12 -20.23
CA GLU B 218 -19.20 -31.15 -21.11
C GLU B 218 -18.72 -32.57 -20.80
N SER C 7 6.75 35.98 15.14
CA SER C 7 6.23 34.70 14.56
C SER C 7 4.75 34.88 14.23
N LEU C 8 4.05 33.77 13.97
CA LEU C 8 2.63 33.82 13.64
C LEU C 8 1.74 33.45 14.82
N ASP C 9 0.49 33.89 14.71
CA ASP C 9 -0.55 33.69 15.72
C ASP C 9 -1.07 32.25 15.65
N GLU C 10 -1.17 31.61 16.81
CA GLU C 10 -1.67 30.25 16.93
C GLU C 10 -3.01 30.15 16.21
N LYS C 11 -3.80 31.21 16.34
CA LYS C 11 -5.12 31.28 15.74
C LYS C 11 -5.00 31.34 14.23
N ASN C 12 -3.92 31.94 13.75
CA ASN C 12 -3.73 32.10 12.33
C ASN C 12 -2.86 31.04 11.66
N SER C 13 -2.33 30.08 12.40
CA SER C 13 -1.46 29.09 11.77
C SER C 13 -1.27 27.73 12.45
N VAL C 14 -0.80 26.77 11.66
CA VAL C 14 -0.54 25.42 12.13
C VAL C 14 0.96 25.23 12.29
N SER C 15 1.37 24.71 13.44
CA SER C 15 2.77 24.45 13.76
C SER C 15 3.09 23.01 13.33
N VAL C 16 4.13 22.87 12.53
CA VAL C 16 4.54 21.56 12.04
C VAL C 16 5.97 21.24 12.44
N ASP C 17 6.17 20.03 12.99
CA ASP C 17 7.48 19.57 13.40
C ASP C 17 8.26 19.07 12.18
N LEU C 18 9.57 19.22 12.25
CA LEU C 18 10.45 18.85 11.15
C LEU C 18 11.70 18.14 11.65
N PRO C 19 12.51 17.61 10.72
CA PRO C 19 13.76 16.93 11.07
C PRO C 19 14.66 17.90 11.88
N GLY C 20 15.59 17.33 12.63
CA GLY C 20 16.52 18.13 13.40
C GLY C 20 15.89 19.02 14.43
N GLU C 21 14.77 18.59 15.00
CA GLU C 21 14.06 19.35 16.02
C GLU C 21 13.57 20.71 15.56
N MET C 22 13.44 20.89 14.24
CA MET C 22 12.93 22.16 13.71
C MET C 22 11.39 22.21 13.67
N LYS C 23 10.85 23.40 13.45
CA LYS C 23 9.40 23.60 13.38
C LYS C 23 9.12 24.69 12.36
N VAL C 24 7.92 24.66 11.76
CA VAL C 24 7.51 25.68 10.79
C VAL C 24 6.03 25.98 10.99
N LEU C 25 5.70 27.27 10.90
CA LEU C 25 4.33 27.71 11.05
C LEU C 25 3.77 27.94 9.66
N VAL C 26 2.66 27.26 9.37
CA VAL C 26 1.99 27.37 8.07
C VAL C 26 0.69 28.11 8.31
N SER C 27 0.39 29.11 7.50
CA SER C 27 -0.85 29.84 7.70
C SER C 27 -2.05 28.93 7.40
N LYS C 28 -3.18 29.24 8.03
CA LYS C 28 -4.40 28.47 7.80
C LYS C 28 -4.99 28.88 6.46
N GLU C 29 -4.94 30.18 6.17
CA GLU C 29 -5.48 30.74 4.94
C GLU C 29 -4.39 31.09 3.96
N LYS C 30 -4.76 31.19 2.69
CA LYS C 30 -3.82 31.57 1.66
C LYS C 30 -3.69 33.08 1.68
N ASN C 31 -2.55 33.60 1.26
CA ASN C 31 -2.34 35.04 1.24
C ASN C 31 -3.02 35.64 0.00
N LYS C 32 -2.90 36.95 -0.16
CA LYS C 32 -3.49 37.68 -1.28
C LYS C 32 -3.02 37.22 -2.67
N ASP C 33 -2.03 36.33 -2.70
CA ASP C 33 -1.50 35.81 -3.96
C ASP C 33 -1.90 34.36 -4.17
N GLY C 34 -2.62 33.80 -3.19
CA GLY C 34 -3.06 32.42 -3.29
C GLY C 34 -1.98 31.43 -2.87
N LYS C 35 -1.14 31.84 -1.93
CA LYS C 35 -0.07 30.99 -1.44
C LYS C 35 -0.09 30.99 0.09
N TYR C 36 0.29 29.89 0.70
CA TYR C 36 0.34 29.81 2.16
C TYR C 36 1.63 30.47 2.64
N ASP C 37 1.58 31.08 3.82
CA ASP C 37 2.76 31.72 4.39
C ASP C 37 3.51 30.73 5.27
N LEU C 38 4.84 30.84 5.26
CA LEU C 38 5.71 29.96 6.05
C LEU C 38 6.68 30.76 6.91
N ILE C 39 6.78 30.39 8.19
CA ILE C 39 7.68 31.05 9.12
C ILE C 39 8.36 30.00 9.99
N ALA C 40 9.67 30.15 10.20
CA ALA C 40 10.44 29.22 11.03
C ALA C 40 11.60 30.03 11.59
N THR C 41 11.88 29.85 12.86
CA THR C 41 12.97 30.57 13.48
C THR C 41 14.10 29.56 13.61
N VAL C 42 15.26 29.90 13.05
CA VAL C 42 16.41 29.00 13.10
C VAL C 42 17.61 29.78 13.65
N ASP C 43 18.11 29.35 14.81
CA ASP C 43 19.25 30.00 15.45
C ASP C 43 19.00 31.49 15.67
N LYS C 44 17.80 31.80 16.15
CA LYS C 44 17.37 33.16 16.44
C LYS C 44 17.03 34.04 15.24
N LEU C 45 17.07 33.48 14.04
CA LEU C 45 16.74 34.23 12.83
C LEU C 45 15.42 33.73 12.24
N GLU C 46 14.45 34.62 12.04
CA GLU C 46 13.19 34.19 11.45
C GLU C 46 13.34 34.14 9.93
N LEU C 47 12.95 33.01 9.34
CA LEU C 47 13.03 32.81 7.89
C LEU C 47 11.62 32.85 7.36
N LYS C 48 11.46 33.35 6.14
CA LYS C 48 10.14 33.47 5.54
C LYS C 48 10.06 32.91 4.13
N GLY C 49 8.88 32.41 3.79
CA GLY C 49 8.62 31.86 2.47
C GLY C 49 7.13 31.64 2.30
N THR C 50 6.75 31.23 1.11
CA THR C 50 5.34 30.95 0.82
C THR C 50 5.32 29.67 0.00
N SER C 51 4.15 29.05 -0.11
CA SER C 51 4.04 27.83 -0.87
C SER C 51 2.64 27.63 -1.36
N ASP C 52 2.50 26.93 -2.47
CA ASP C 52 1.18 26.63 -3.00
C ASP C 52 0.56 25.54 -2.10
N LYS C 53 1.41 24.81 -1.38
CA LYS C 53 0.96 23.73 -0.51
C LYS C 53 0.89 24.15 0.96
N ASN C 54 0.05 23.48 1.73
CA ASN C 54 -0.09 23.81 3.15
C ASN C 54 0.42 22.77 4.15
N ASN C 55 1.39 21.94 3.74
CA ASN C 55 1.94 20.95 4.66
C ASN C 55 3.19 21.43 5.39
N GLY C 56 3.76 22.53 4.95
CA GLY C 56 4.96 23.02 5.60
C GLY C 56 6.19 22.86 4.72
N SER C 57 6.01 22.30 3.54
CA SER C 57 7.12 22.13 2.60
C SER C 57 7.33 23.41 1.81
N GLY C 58 8.56 23.63 1.36
CA GLY C 58 8.87 24.83 0.59
C GLY C 58 10.22 25.38 0.96
N VAL C 59 10.46 26.64 0.59
CA VAL C 59 11.73 27.32 0.85
C VAL C 59 11.48 28.58 1.70
N LEU C 60 12.30 28.73 2.74
CA LEU C 60 12.23 29.89 3.62
C LEU C 60 13.60 30.56 3.55
N GLU C 61 13.65 31.87 3.77
CA GLU C 61 14.90 32.61 3.69
C GLU C 61 14.98 33.74 4.70
N GLY C 62 16.21 34.17 4.98
CA GLY C 62 16.45 35.24 5.93
C GLY C 62 17.86 35.74 5.73
N VAL C 63 18.21 36.86 6.35
CA VAL C 63 19.55 37.43 6.22
C VAL C 63 20.09 37.73 7.60
N LYS C 64 21.29 37.24 7.88
CA LYS C 64 21.93 37.47 9.17
C LYS C 64 22.33 38.93 9.31
N ALA C 65 22.69 39.33 10.52
CA ALA C 65 23.10 40.70 10.77
C ALA C 65 24.40 40.99 10.01
N ASP C 66 25.17 39.94 9.74
CA ASP C 66 26.43 40.04 9.01
C ASP C 66 26.25 39.95 7.49
N LYS C 67 25.02 40.10 7.03
CA LYS C 67 24.65 40.06 5.61
C LYS C 67 24.63 38.68 4.93
N CYS C 68 24.98 37.63 5.64
CA CYS C 68 24.96 36.29 5.06
C CYS C 68 23.51 35.84 4.80
N LYS C 69 23.27 35.26 3.62
CA LYS C 69 21.94 34.79 3.25
C LYS C 69 21.68 33.37 3.77
N VAL C 70 20.55 33.18 4.42
CA VAL C 70 20.17 31.87 4.97
C VAL C 70 18.96 31.34 4.22
N LYS C 71 19.08 30.09 3.77
CA LYS C 71 18.00 29.44 3.03
C LYS C 71 17.69 28.06 3.62
N LEU C 72 16.42 27.80 3.87
CA LEU C 72 15.97 26.53 4.41
C LEU C 72 15.01 25.90 3.40
N THR C 73 15.33 24.69 2.96
CA THR C 73 14.47 23.99 2.04
C THR C 73 13.89 22.78 2.77
N ILE C 74 12.56 22.72 2.86
CA ILE C 74 11.87 21.62 3.50
C ILE C 74 11.28 20.73 2.40
N SER C 75 11.73 19.47 2.36
CA SER C 75 11.28 18.55 1.33
C SER C 75 9.77 18.33 1.31
N ASP C 76 9.25 18.00 0.13
CA ASP C 76 7.83 17.81 -0.10
C ASP C 76 7.07 16.95 0.91
N ASP C 77 7.69 15.89 1.42
CA ASP C 77 7.02 15.03 2.39
C ASP C 77 7.52 15.25 3.80
N LEU C 78 8.24 16.34 3.98
CA LEU C 78 8.79 16.74 5.28
C LEU C 78 9.84 15.75 5.77
N GLY C 79 10.39 14.97 4.86
CA GLY C 79 11.38 13.97 5.22
C GLY C 79 12.80 14.48 5.33
N GLN C 80 13.05 15.69 4.85
CA GLN C 80 14.40 16.23 4.89
C GLN C 80 14.42 17.75 4.89
N THR C 81 15.46 18.32 5.50
CA THR C 81 15.64 19.76 5.48
C THR C 81 17.07 20.02 5.02
N THR C 82 17.27 21.15 4.33
CA THR C 82 18.58 21.57 3.86
C THR C 82 18.70 23.01 4.32
N LEU C 83 19.66 23.28 5.18
CA LEU C 83 19.86 24.62 5.70
C LEU C 83 21.21 25.12 5.22
N GLU C 84 21.17 26.12 4.36
CA GLU C 84 22.35 26.72 3.77
C GLU C 84 22.54 28.16 4.20
N VAL C 85 23.79 28.51 4.46
CA VAL C 85 24.17 29.87 4.81
C VAL C 85 25.21 30.24 3.74
N PHE C 86 24.88 31.28 2.97
CA PHE C 86 25.75 31.77 1.90
C PHE C 86 26.30 33.13 2.29
N LYS C 87 27.34 33.57 1.59
CA LYS C 87 27.92 34.89 1.82
C LYS C 87 26.87 35.88 1.30
N GLU C 88 27.10 37.17 1.48
CA GLU C 88 26.11 38.15 1.02
C GLU C 88 25.82 38.12 -0.48
N ASP C 89 26.65 37.43 -1.25
CA ASP C 89 26.42 37.32 -2.70
C ASP C 89 25.36 36.24 -2.97
N GLY C 90 24.89 35.60 -1.90
CA GLY C 90 23.89 34.56 -2.02
C GLY C 90 24.25 33.38 -2.91
N LYS C 91 25.55 33.15 -3.12
CA LYS C 91 25.97 32.04 -3.97
C LYS C 91 27.08 31.22 -3.33
N THR C 92 28.06 31.90 -2.74
CA THR C 92 29.17 31.20 -2.10
C THR C 92 28.70 30.63 -0.76
N LEU C 93 28.81 29.31 -0.64
CA LEU C 93 28.41 28.61 0.55
C LEU C 93 29.42 28.78 1.67
N VAL C 94 28.91 29.03 2.86
CA VAL C 94 29.73 29.20 4.05
C VAL C 94 29.55 27.91 4.87
N SER C 95 28.33 27.38 4.82
CA SER C 95 27.98 26.16 5.54
C SER C 95 26.74 25.54 4.90
N LYS C 96 26.56 24.25 5.13
CA LYS C 96 25.42 23.54 4.58
C LYS C 96 25.12 22.29 5.39
N LYS C 97 23.89 22.14 5.87
CA LYS C 97 23.52 20.95 6.61
C LYS C 97 22.22 20.31 6.16
N VAL C 98 22.32 19.06 5.75
CA VAL C 98 21.15 18.29 5.32
C VAL C 98 20.78 17.32 6.44
N THR C 99 19.54 17.39 6.91
CA THR C 99 19.08 16.51 7.99
C THR C 99 17.88 15.68 7.55
N SER C 100 17.91 14.40 7.89
CA SER C 100 16.85 13.47 7.54
C SER C 100 15.90 13.26 8.70
N LYS C 101 14.68 12.83 8.39
CA LYS C 101 13.69 12.56 9.43
C LYS C 101 14.18 11.41 10.34
N ASP C 102 15.17 10.66 9.88
CA ASP C 102 15.71 9.56 10.68
C ASP C 102 16.91 9.96 11.56
N LYS C 103 17.12 11.25 11.73
CA LYS C 103 18.21 11.80 12.54
C LYS C 103 19.60 11.77 11.91
N SER C 104 19.73 11.17 10.72
CA SER C 104 21.01 11.17 10.04
C SER C 104 21.17 12.55 9.41
N SER C 105 22.40 12.94 9.11
CA SER C 105 22.64 14.24 8.51
C SER C 105 24.05 14.36 7.97
N THR C 106 24.26 15.39 7.16
CA THR C 106 25.55 15.70 6.57
C THR C 106 25.76 17.22 6.74
N GLU C 107 26.75 17.58 7.53
CA GLU C 107 27.06 18.99 7.79
C GLU C 107 28.41 19.35 7.18
N GLU C 108 28.40 20.23 6.19
CA GLU C 108 29.61 20.64 5.48
C GLU C 108 30.03 22.10 5.71
N LYS C 109 31.30 22.27 6.04
CA LYS C 109 31.90 23.57 6.28
C LYS C 109 32.69 23.87 5.02
N PHE C 110 32.55 25.09 4.50
CA PHE C 110 33.26 25.45 3.27
C PHE C 110 34.37 26.45 3.53
N ASN C 111 35.18 26.69 2.51
CA ASN C 111 36.28 27.63 2.63
C ASN C 111 35.96 28.96 1.91
N GLU C 112 36.94 29.85 1.86
CA GLU C 112 36.79 31.16 1.25
C GLU C 112 36.33 31.11 -0.21
N LYS C 113 36.57 29.99 -0.89
CA LYS C 113 36.15 29.87 -2.27
C LYS C 113 34.90 29.02 -2.46
N GLY C 114 34.25 28.65 -1.36
CA GLY C 114 33.04 27.85 -1.46
C GLY C 114 33.26 26.36 -1.66
N GLU C 115 34.42 25.87 -1.26
CA GLU C 115 34.77 24.45 -1.38
C GLU C 115 34.62 23.82 0.00
N VAL C 116 34.05 22.63 0.05
CA VAL C 116 33.89 21.94 1.33
C VAL C 116 35.29 21.66 1.86
N SER C 117 35.55 22.12 3.06
CA SER C 117 36.85 21.91 3.69
C SER C 117 36.69 20.86 4.80
N GLU C 118 35.47 20.75 5.32
CA GLU C 118 35.17 19.80 6.38
C GLU C 118 33.80 19.15 6.17
N LYS C 119 33.67 17.89 6.58
CA LYS C 119 32.40 17.20 6.43
C LYS C 119 32.12 16.28 7.61
N ILE C 120 30.92 16.37 8.15
CA ILE C 120 30.50 15.54 9.26
C ILE C 120 29.26 14.76 8.82
N ILE C 121 29.36 13.44 8.87
CA ILE C 121 28.26 12.56 8.48
C ILE C 121 27.72 11.85 9.72
N THR C 122 26.51 12.23 10.13
CA THR C 122 25.87 11.61 11.29
C THR C 122 24.88 10.54 10.84
N ARG C 123 25.03 9.35 11.42
CA ARG C 123 24.16 8.22 11.11
C ARG C 123 22.95 8.26 12.01
N ALA C 124 21.88 7.59 11.62
CA ALA C 124 20.67 7.59 12.41
C ALA C 124 20.93 7.09 13.83
N ASP C 125 21.89 6.18 13.98
CA ASP C 125 22.21 5.64 15.30
C ASP C 125 23.13 6.55 16.14
N GLY C 126 23.48 7.70 15.58
CA GLY C 126 24.32 8.63 16.28
C GLY C 126 25.80 8.52 16.06
N THR C 127 26.24 7.49 15.36
CA THR C 127 27.68 7.34 15.10
C THR C 127 28.08 8.32 14.01
N ARG C 128 29.29 8.83 14.08
CA ARG C 128 29.77 9.81 13.10
C ARG C 128 31.05 9.48 12.37
N LEU C 129 31.20 10.12 11.21
CA LEU C 129 32.37 10.05 10.34
C LEU C 129 32.72 11.52 10.15
N GLU C 130 33.84 11.94 10.73
CA GLU C 130 34.29 13.32 10.64
C GLU C 130 35.53 13.49 9.77
N TYR C 131 35.41 14.39 8.79
CA TYR C 131 36.45 14.70 7.84
C TYR C 131 36.90 16.16 7.94
N THR C 132 38.21 16.38 8.01
CA THR C 132 38.76 17.73 8.10
C THR C 132 39.97 17.81 7.17
N GLY C 133 40.55 19.01 7.07
CA GLY C 133 41.70 19.21 6.21
C GLY C 133 41.49 18.60 4.84
N ILE C 134 40.26 18.73 4.35
CA ILE C 134 39.90 18.20 3.05
C ILE C 134 40.55 19.03 1.96
N LYS C 135 41.49 18.41 1.25
CA LYS C 135 42.21 19.07 0.17
C LYS C 135 41.45 18.96 -1.13
N SER C 136 41.89 19.74 -2.10
CA SER C 136 41.30 19.80 -3.42
C SER C 136 41.21 18.44 -4.13
N ASP C 137 42.18 17.57 -3.88
CA ASP C 137 42.20 16.25 -4.50
C ASP C 137 41.36 15.19 -3.78
N GLY C 138 40.45 15.64 -2.91
CA GLY C 138 39.59 14.71 -2.19
C GLY C 138 40.19 13.98 -0.99
N SER C 139 41.45 14.24 -0.70
CA SER C 139 42.07 13.60 0.44
C SER C 139 41.81 14.46 1.67
N GLY C 140 42.09 13.91 2.85
CA GLY C 140 41.89 14.64 4.09
C GLY C 140 42.03 13.73 5.29
N LYS C 141 41.88 14.29 6.48
CA LYS C 141 41.97 13.52 7.72
C LYS C 141 40.60 12.97 8.07
N ALA C 142 40.56 11.80 8.71
CA ALA C 142 39.28 11.18 9.07
C ALA C 142 39.20 10.60 10.49
N LYS C 143 37.99 10.57 11.02
CA LYS C 143 37.74 10.01 12.35
C LYS C 143 36.35 9.41 12.36
N GLU C 144 36.22 8.24 12.98
CA GLU C 144 34.91 7.64 13.09
C GLU C 144 34.57 7.68 14.56
N VAL C 145 33.51 8.38 14.88
CA VAL C 145 33.07 8.50 16.26
C VAL C 145 32.03 7.41 16.52
N LEU C 146 32.37 6.50 17.42
CA LEU C 146 31.51 5.38 17.77
C LEU C 146 31.15 5.46 19.24
N LYS C 147 30.26 4.59 19.69
CA LYS C 147 29.88 4.59 21.09
C LYS C 147 31.01 3.97 21.91
N GLY C 148 31.63 4.80 22.73
CA GLY C 148 32.70 4.35 23.60
C GLY C 148 34.12 4.59 23.12
N TYR C 149 34.30 4.76 21.82
CA TYR C 149 35.63 4.98 21.26
C TYR C 149 35.66 5.70 19.92
N VAL C 150 36.85 6.19 19.58
CA VAL C 150 37.10 6.91 18.34
C VAL C 150 38.19 6.20 17.52
N LEU C 151 37.92 5.95 16.25
CA LEU C 151 38.87 5.33 15.35
C LEU C 151 39.40 6.44 14.45
N GLU C 152 40.69 6.41 14.15
CA GLU C 152 41.24 7.46 13.33
C GLU C 152 41.96 6.92 12.13
N GLY C 153 41.94 7.70 11.05
CA GLY C 153 42.61 7.29 9.83
C GLY C 153 42.68 8.43 8.85
N THR C 154 42.59 8.09 7.57
CA THR C 154 42.65 9.07 6.52
C THR C 154 41.49 8.86 5.56
N LEU C 155 41.42 9.76 4.58
CA LEU C 155 40.39 9.72 3.57
C LEU C 155 41.04 10.06 2.24
N THR C 156 40.53 9.44 1.18
CA THR C 156 40.99 9.68 -0.17
C THR C 156 39.75 9.59 -1.04
N ALA C 157 39.86 10.02 -2.28
CA ALA C 157 38.72 10.00 -3.20
C ALA C 157 38.06 8.62 -3.23
N GLU C 158 38.87 7.58 -3.10
CA GLU C 158 38.37 6.21 -3.13
C GLU C 158 37.64 5.74 -1.86
N LYS C 159 38.27 5.89 -0.70
CA LYS C 159 37.64 5.46 0.54
C LYS C 159 38.30 6.01 1.80
N THR C 160 37.65 5.76 2.93
CA THR C 160 38.11 6.18 4.25
C THR C 160 38.77 4.95 4.89
N THR C 161 39.88 5.14 5.58
CA THR C 161 40.55 4.02 6.22
C THR C 161 40.94 4.37 7.64
N LEU C 162 40.30 3.69 8.59
CA LEU C 162 40.54 3.88 10.01
C LEU C 162 41.54 2.81 10.40
N VAL C 163 42.51 3.17 11.24
CA VAL C 163 43.57 2.22 11.60
C VAL C 163 43.75 2.06 13.11
N VAL C 164 44.07 0.86 13.54
CA VAL C 164 44.32 0.57 14.95
C VAL C 164 45.59 -0.28 15.01
N LYS C 165 46.57 0.18 15.80
CA LYS C 165 47.83 -0.54 15.94
C LYS C 165 48.06 -1.01 17.38
N GLU C 166 48.68 -2.16 17.50
CA GLU C 166 49.02 -2.77 18.79
C GLU C 166 50.20 -3.66 18.45
N GLY C 167 51.36 -3.32 19.00
CA GLY C 167 52.57 -4.08 18.72
C GLY C 167 52.88 -4.02 17.24
N THR C 168 53.17 -5.16 16.63
CA THR C 168 53.47 -5.21 15.20
C THR C 168 52.24 -5.46 14.33
N VAL C 169 51.07 -5.42 14.95
CA VAL C 169 49.84 -5.66 14.22
C VAL C 169 49.09 -4.37 13.91
N THR C 170 48.72 -4.20 12.64
CA THR C 170 47.94 -3.06 12.20
C THR C 170 46.59 -3.54 11.66
N LEU C 171 45.51 -2.98 12.18
CA LEU C 171 44.15 -3.31 11.75
C LEU C 171 43.63 -2.10 10.95
N SER C 172 43.07 -2.35 9.77
CA SER C 172 42.55 -1.28 8.92
C SER C 172 41.11 -1.54 8.48
N LYS C 173 40.24 -0.57 8.76
CA LYS C 173 38.84 -0.66 8.38
C LYS C 173 38.62 0.34 7.24
N ASN C 174 38.24 -0.19 6.09
CA ASN C 174 37.99 0.61 4.89
C ASN C 174 36.49 0.80 4.69
N ILE C 175 36.11 2.02 4.34
CA ILE C 175 34.72 2.38 4.07
C ILE C 175 34.75 3.14 2.74
N SER C 176 34.12 2.61 1.70
CA SER C 176 34.13 3.29 0.41
C SER C 176 32.99 4.31 0.33
N LYS C 177 32.94 5.12 -0.73
CA LYS C 177 31.88 6.12 -0.87
C LYS C 177 30.49 5.51 -0.90
N SER C 178 30.41 4.26 -1.34
CA SER C 178 29.13 3.58 -1.40
C SER C 178 28.73 3.02 -0.03
N GLY C 179 29.62 3.13 0.95
CA GLY C 179 29.35 2.63 2.28
C GLY C 179 29.87 1.22 2.51
N GLU C 180 30.47 0.65 1.47
CA GLU C 180 31.02 -0.69 1.53
C GLU C 180 32.13 -0.73 2.56
N VAL C 181 32.14 -1.76 3.39
CA VAL C 181 33.14 -1.91 4.44
C VAL C 181 33.94 -3.18 4.23
N SER C 182 35.25 -3.10 4.49
CA SER C 182 36.14 -4.26 4.40
C SER C 182 37.18 -4.06 5.49
N VAL C 183 37.61 -5.14 6.12
CA VAL C 183 38.59 -5.02 7.18
C VAL C 183 39.77 -5.91 6.81
N GLU C 184 40.96 -5.51 7.23
CA GLU C 184 42.16 -6.28 6.94
C GLU C 184 43.13 -6.12 8.10
N LEU C 185 44.02 -7.10 8.25
CA LEU C 185 45.01 -7.09 9.31
C LEU C 185 46.38 -7.49 8.75
N ASN C 186 47.42 -6.84 9.27
CA ASN C 186 48.79 -7.12 8.87
C ASN C 186 49.65 -7.11 10.11
N ASP C 187 50.55 -8.09 10.20
CA ASP C 187 51.46 -8.18 11.34
C ASP C 187 52.89 -8.28 10.80
N THR C 188 53.79 -7.45 11.32
CA THR C 188 55.19 -7.49 10.88
C THR C 188 56.00 -8.50 11.71
N ASP C 189 55.33 -9.15 12.67
CA ASP C 189 55.97 -10.15 13.52
C ASP C 189 56.62 -11.20 12.63
N SER C 190 57.87 -11.51 12.95
CA SER C 190 58.64 -12.51 12.22
C SER C 190 58.32 -13.92 12.69
N SER C 191 58.27 -14.12 14.01
CA SER C 191 57.99 -15.43 14.59
C SER C 191 56.68 -15.99 14.09
N ALA C 192 56.77 -17.05 13.30
CA ALA C 192 55.59 -17.71 12.74
C ALA C 192 54.69 -18.34 13.81
N ALA C 193 55.18 -18.38 15.04
CA ALA C 193 54.42 -18.92 16.15
C ALA C 193 53.58 -17.87 16.86
N THR C 194 53.88 -16.60 16.64
CA THR C 194 53.13 -15.53 17.29
C THR C 194 52.54 -14.52 16.32
N LYS C 195 52.86 -14.69 15.04
CA LYS C 195 52.39 -13.79 14.00
C LYS C 195 50.91 -13.96 13.71
N LYS C 196 50.18 -12.84 13.75
CA LYS C 196 48.74 -12.80 13.47
C LYS C 196 48.52 -12.78 11.97
N THR C 197 47.42 -13.37 11.55
CA THR C 197 47.02 -13.46 10.16
C THR C 197 45.50 -13.35 10.24
N ALA C 198 44.85 -12.88 9.18
CA ALA C 198 43.40 -12.74 9.22
C ALA C 198 42.74 -12.89 7.87
N ALA C 199 41.48 -13.31 7.88
CA ALA C 199 40.71 -13.47 6.66
C ALA C 199 39.41 -12.70 6.80
N TRP C 200 39.05 -11.98 5.75
CA TRP C 200 37.84 -11.19 5.77
C TRP C 200 36.72 -11.87 5.02
N ASN C 201 35.55 -11.93 5.66
CA ASN C 201 34.35 -12.53 5.08
C ASN C 201 33.35 -11.38 4.96
N SER C 202 33.24 -10.83 3.76
CA SER C 202 32.32 -9.71 3.54
C SER C 202 30.87 -10.13 3.80
N GLY C 203 30.52 -11.31 3.32
CA GLY C 203 29.16 -11.82 3.48
C GLY C 203 28.66 -11.80 4.90
N THR C 204 29.57 -11.97 5.86
CA THR C 204 29.17 -11.96 7.25
C THR C 204 29.81 -10.80 8.00
N SER C 205 30.59 -9.97 7.31
CA SER C 205 31.27 -8.84 7.94
C SER C 205 32.15 -9.25 9.12
N THR C 206 32.84 -10.37 9.00
CA THR C 206 33.69 -10.84 10.09
C THR C 206 35.11 -11.11 9.66
N LEU C 207 36.04 -10.73 10.53
CA LEU C 207 37.46 -10.93 10.30
C LEU C 207 37.89 -12.03 11.26
N THR C 208 38.37 -13.14 10.71
CA THR C 208 38.87 -14.27 11.51
C THR C 208 40.38 -14.22 11.63
N ILE C 209 40.85 -14.08 12.86
CA ILE C 209 42.26 -14.01 13.14
C ILE C 209 42.80 -15.42 13.40
N THR C 210 44.04 -15.66 12.97
CA THR C 210 44.71 -16.93 13.14
C THR C 210 46.14 -16.69 13.64
N VAL C 211 46.59 -17.56 14.54
CA VAL C 211 47.95 -17.51 15.07
C VAL C 211 48.38 -18.96 15.25
N ASN C 212 49.59 -19.28 14.84
CA ASN C 212 50.15 -20.62 14.94
C ASN C 212 49.20 -21.70 14.41
N SER C 213 48.69 -21.49 13.21
CA SER C 213 47.79 -22.43 12.55
C SER C 213 46.43 -22.63 13.21
N LYS C 214 46.09 -21.79 14.19
CA LYS C 214 44.80 -21.91 14.86
C LYS C 214 43.97 -20.64 14.73
N LYS C 215 42.69 -20.79 14.45
CA LYS C 215 41.80 -19.63 14.40
C LYS C 215 41.68 -19.24 15.88
N THR C 216 41.81 -17.95 16.18
CA THR C 216 41.73 -17.52 17.56
C THR C 216 40.50 -16.69 17.93
N LYS C 217 40.10 -15.78 17.05
CA LYS C 217 38.97 -14.87 17.29
C LYS C 217 38.27 -14.45 16.01
N ASP C 218 37.00 -14.06 16.13
CA ASP C 218 36.19 -13.54 15.02
C ASP C 218 35.86 -12.11 15.44
N LEU C 219 36.19 -11.14 14.61
CA LEU C 219 35.86 -9.75 14.91
C LEU C 219 34.71 -9.44 13.98
N VAL C 220 33.53 -9.20 14.55
CA VAL C 220 32.35 -8.90 13.74
C VAL C 220 32.02 -7.41 13.71
N PHE C 221 31.92 -6.88 12.49
CA PHE C 221 31.59 -5.47 12.31
C PHE C 221 30.11 -5.42 11.95
N THR C 222 29.29 -5.14 12.95
CA THR C 222 27.84 -5.12 12.80
C THR C 222 27.23 -3.96 12.01
N LYS C 223 26.03 -4.21 11.48
CA LYS C 223 25.27 -3.22 10.72
C LYS C 223 24.93 -2.08 11.67
N GLU C 224 24.96 -2.37 12.96
CA GLU C 224 24.67 -1.39 14.00
C GLU C 224 25.91 -0.58 14.39
N ASN C 225 26.93 -0.63 13.53
CA ASN C 225 28.16 0.11 13.78
C ASN C 225 28.84 -0.15 15.12
N THR C 226 28.89 -1.43 15.49
CA THR C 226 29.58 -1.86 16.70
C THR C 226 30.52 -2.97 16.25
N ILE C 227 31.38 -3.42 17.15
CA ILE C 227 32.32 -4.51 16.84
C ILE C 227 32.15 -5.52 17.97
N THR C 228 32.13 -6.81 17.64
CA THR C 228 32.03 -7.82 18.69
C THR C 228 33.20 -8.79 18.55
N VAL C 229 33.60 -9.39 19.65
CA VAL C 229 34.69 -10.36 19.66
C VAL C 229 34.23 -11.68 20.28
N GLN C 230 34.68 -12.79 19.70
CA GLN C 230 34.37 -14.12 20.20
C GLN C 230 35.59 -15.01 19.92
N GLN C 231 35.95 -15.83 20.90
CA GLN C 231 37.12 -16.69 20.79
C GLN C 231 36.77 -18.07 20.26
N TYR C 232 37.78 -18.76 19.72
CA TYR C 232 37.63 -20.11 19.23
C TYR C 232 38.14 -21.02 20.37
N ASP C 233 37.80 -22.30 20.33
CA ASP C 233 38.25 -23.22 21.36
C ASP C 233 39.76 -23.35 21.34
N SER C 234 40.29 -24.12 22.29
CA SER C 234 41.73 -24.36 22.44
C SER C 234 42.41 -24.93 21.21
N ASN C 235 41.71 -25.78 20.45
CA ASN C 235 42.27 -26.38 19.25
C ASN C 235 42.04 -25.49 18.03
N GLY C 236 41.30 -24.41 18.23
CA GLY C 236 41.00 -23.45 17.18
C GLY C 236 40.03 -23.86 16.10
N THR C 237 39.09 -24.77 16.38
CA THR C 237 38.17 -25.21 15.32
C THR C 237 36.75 -24.61 15.27
N LYS C 238 36.15 -24.37 16.43
CA LYS C 238 34.82 -23.78 16.49
C LYS C 238 34.81 -22.68 17.54
N LEU C 239 33.83 -21.79 17.45
CA LEU C 239 33.68 -20.70 18.39
C LEU C 239 33.20 -21.21 19.75
N GLU C 240 33.52 -20.47 20.81
CA GLU C 240 33.09 -20.81 22.17
C GLU C 240 32.34 -19.65 22.80
N GLY C 241 31.45 -19.98 23.74
CA GLY C 241 30.67 -18.97 24.44
C GLY C 241 29.84 -18.09 23.52
N SER C 242 29.73 -16.82 23.86
CA SER C 242 28.98 -15.88 23.05
C SER C 242 29.87 -14.67 22.68
N ALA C 243 29.47 -13.93 21.65
CA ALA C 243 30.21 -12.75 21.22
C ALA C 243 30.02 -11.63 22.25
N VAL C 244 31.10 -10.89 22.49
CA VAL C 244 31.09 -9.79 23.45
C VAL C 244 31.35 -8.50 22.66
N GLU C 245 30.52 -7.50 22.89
CA GLU C 245 30.64 -6.23 22.19
C GLU C 245 31.76 -5.35 22.75
N ILE C 246 32.56 -4.78 21.85
CA ILE C 246 33.64 -3.88 22.22
C ILE C 246 33.02 -2.57 22.73
N THR C 247 33.62 -2.02 23.79
CA THR C 247 33.13 -0.80 24.41
C THR C 247 34.21 0.27 24.49
N LYS C 248 35.47 -0.18 24.42
CA LYS C 248 36.61 0.71 24.53
C LYS C 248 37.61 0.39 23.46
N LEU C 249 38.41 1.40 23.10
CA LEU C 249 39.47 1.23 22.10
C LEU C 249 40.49 0.20 22.59
N ASP C 250 40.82 0.25 23.88
CA ASP C 250 41.79 -0.69 24.48
C ASP C 250 41.41 -2.15 24.23
N GLU C 251 40.12 -2.44 24.21
CA GLU C 251 39.63 -3.80 24.00
C GLU C 251 39.93 -4.27 22.60
N ILE C 252 39.90 -3.36 21.64
CA ILE C 252 40.22 -3.72 20.26
C ILE C 252 41.70 -4.09 20.24
N LYS C 253 42.51 -3.27 20.90
CA LYS C 253 43.95 -3.49 20.98
C LYS C 253 44.24 -4.81 21.67
N ASN C 254 43.49 -5.12 22.72
CA ASN C 254 43.66 -6.38 23.44
C ASN C 254 43.33 -7.55 22.53
N ALA C 255 42.41 -7.34 21.60
CA ALA C 255 42.03 -8.38 20.66
C ALA C 255 43.13 -8.59 19.62
N LEU C 256 43.98 -7.57 19.44
CA LEU C 256 45.08 -7.60 18.48
C LEU C 256 46.40 -8.08 19.07
N LYS C 257 46.47 -8.19 20.39
CA LYS C 257 47.67 -8.65 21.05
C LYS C 257 47.90 -10.13 20.73
#